data_3CV5
#
_entry.id   3CV5
#
_cell.length_a   68.687
_cell.length_b   109.958
_cell.length_c   139.266
_cell.angle_alpha   90.000
_cell.angle_beta   90.000
_cell.angle_gamma   90.000
#
_symmetry.space_group_name_H-M   'P 21 21 21'
#
loop_
_entity.id
_entity.type
_entity.pdbx_description
1 polymer 'Alpha-mannosidase 2'
2 branched alpha-D-mannopyranose-(1-3)-[alpha-D-mannopyranose-(1-6)]alpha-D-mannopyranose-(1-6)-[alpha-D-mannopyranose-(1-3)]beta-D-mannopyranose
3 non-polymer 2-acetamido-2-deoxy-beta-D-glucopyranose
4 non-polymer 'ZINC ION'
5 non-polymer (4S)-2-METHYL-2,4-PENTANEDIOL
6 water water
#
_entity_poly.entity_id   1
_entity_poly.type   'polypeptide(L)'
_entity_poly.pdbx_seq_one_letter_code
;RSSHHHHHHGEFDDPIRPPLKVARSPRPGQCQDVVQDVPNVDVQMLELYDRMSFKDIDGGVWKQGWNIKYDPLKYNAHHK
LKVFVVPHSHNDPGWIQTFEEYYQHDTKHILSNALRHLHDNPEMKFIWAEISYFARFYHDLGENKKLQMKSIVKNGQLEF
VTGGWVMPDEANSHWRNVLLQLTEGQTWLKQFMNVTPTASWAIAPFGHSPTMPYILQKSGFKNMLIQRTHYSVKKELAQQ
RQLEFLWRQIWDNKGDTALFTHMMPFYSYDIPHTCGPDPKVCCQFDFKRMGSFGLSCPWKVPPRTISDQNVAARSDLLVD
QWKKKAELYRTNVLLIPLGDDFRFKQNTEWDVQRVNYERLFEHINSQAHFNVQAQFGTLQEYFDAVHQAERAGQAEFPTL
SGDFFTYADRSDNYWSGYYTSRPYHKRMDRVLMHYVRAAEMLSAWHSWDGMARIEERLEQARRELSLFQHHDGITGTAKT
HVVVDYEQRMQEALKACQMVMQQSVYRLLTKPSIYSPDFSFSYFTLDDSRWPGSGVEDSRTTIILGEDILPSKHVVMHNT
LPHWREQLVDFYVSSPFVSVTDLANNPVEAQVSPVWSWHHDTLTKTIHPQGSTTKYRIIFKARVPPMGLATYVLTISDSK
PEHTSYASNLLLRKNPTSLPLGQYPEDVKFGDPREISLRVGNGPTLAFSEQGLLKSIQLTQDSPHVPVHFKFLKYGVRSH
GDRSGAYLFLPNGPASPVELGQPVVLVTKGKLESSVSVGLPSVVHQTIMRGGAPEIRNLVDIGSLDNTEIVMRLETHIDS
GDIFYTDLNGLQFIKRRRLDKLPLQANYYPIPSGMFIEDANTRLTLLTGQPLGGSSLASGELEIMQDRRLASDDERGLGQ
GVLDNKPVLHIYRLVLEKVNNCVRPSKLHPAGYLTSAAHKASQSLLDPLDKFIFAENEWIGAQGQFGGDHPSAREDLDVS
VMRRLTKSSAKTQRVGYVLHRTNLMQCGTPEEHTQKLDVCHLLPNVARCERTTLTFLQNLEHLDGMVAPEVCPMETAAYV
SSHSS
;
_entity_poly.pdbx_strand_id   A
#
# COMPACT_ATOMS: atom_id res chain seq x y z
N GLN A 30 -15.70 -22.88 15.75
CA GLN A 30 -15.07 -21.74 16.46
C GLN A 30 -14.88 -20.57 15.48
N CYS A 31 -14.23 -20.83 14.34
CA CYS A 31 -13.98 -19.81 13.33
C CYS A 31 -15.27 -19.44 12.61
N GLN A 32 -15.49 -18.14 12.39
CA GLN A 32 -16.57 -17.68 11.50
C GLN A 32 -16.32 -18.18 10.08
N ASP A 33 -17.41 -18.55 9.40
CA ASP A 33 -17.38 -18.89 7.98
C ASP A 33 -17.43 -17.59 7.15
N VAL A 34 -16.36 -17.29 6.42
CA VAL A 34 -16.25 -16.05 5.65
C VAL A 34 -16.76 -16.14 4.20
N VAL A 35 -17.27 -17.33 3.84
CA VAL A 35 -17.75 -17.56 2.47
C VAL A 35 -19.27 -17.68 2.32
N GLN A 36 -19.89 -18.41 3.22
CA GLN A 36 -21.26 -18.92 2.98
C GLN A 36 -22.39 -18.15 3.65
N ASP A 37 -22.06 -17.24 4.55
CA ASP A 37 -23.06 -16.48 5.29
C ASP A 37 -22.95 -15.03 4.91
N VAL A 38 -23.96 -14.50 4.23
CA VAL A 38 -23.96 -13.08 3.83
C VAL A 38 -24.37 -12.20 5.02
N PRO A 39 -23.49 -11.31 5.45
CA PRO A 39 -23.80 -10.47 6.62
C PRO A 39 -25.02 -9.62 6.38
N ASN A 40 -25.83 -9.47 7.44
CA ASN A 40 -26.96 -8.56 7.43
CA ASN A 40 -26.94 -8.53 7.39
C ASN A 40 -26.51 -7.22 7.99
N VAL A 41 -26.41 -6.22 7.14
CA VAL A 41 -26.01 -4.86 7.57
C VAL A 41 -27.05 -3.85 7.10
N ASP A 42 -27.14 -2.73 7.80
CA ASP A 42 -28.03 -1.67 7.41
C ASP A 42 -27.65 -1.01 6.09
N VAL A 43 -26.37 -0.82 5.87
CA VAL A 43 -25.85 -0.18 4.65
C VAL A 43 -24.75 -1.08 4.12
N GLN A 44 -24.90 -1.56 2.90
CA GLN A 44 -23.85 -2.35 2.25
C GLN A 44 -23.46 -1.55 1.00
N MET A 45 -22.19 -1.15 0.89
CA MET A 45 -21.93 -0.07 -0.06
C MET A 45 -22.12 -0.44 -1.53
N LEU A 46 -21.90 -1.71 -1.85
CA LEU A 46 -22.15 -2.16 -3.23
C LEU A 46 -23.66 -2.06 -3.55
N GLU A 47 -24.48 -2.46 -2.58
CA GLU A 47 -25.94 -2.45 -2.77
C GLU A 47 -26.37 -0.98 -2.85
N LEU A 48 -25.80 -0.14 -1.98
CA LEU A 48 -26.11 1.29 -2.03
C LEU A 48 -25.77 1.89 -3.40
N TYR A 49 -24.58 1.58 -3.91
CA TYR A 49 -24.16 2.04 -5.22
C TYR A 49 -25.13 1.65 -6.35
N ASP A 50 -25.69 0.45 -6.23
CA ASP A 50 -26.56 -0.07 -7.28
C ASP A 50 -27.84 0.78 -7.34
N ARG A 51 -28.31 1.22 -6.18
CA ARG A 51 -29.55 1.94 -6.14
C ARG A 51 -29.46 3.47 -6.19
N MET A 52 -28.32 4.06 -5.82
CA MET A 52 -28.16 5.53 -5.87
C MET A 52 -28.13 6.08 -7.28
N SER A 53 -28.62 7.32 -7.48
CA SER A 53 -28.67 7.95 -8.82
CA SER A 53 -28.63 7.91 -8.85
C SER A 53 -27.46 8.85 -9.17
N PHE A 54 -26.78 9.32 -8.14
CA PHE A 54 -25.56 10.09 -8.29
C PHE A 54 -25.80 11.42 -9.02
N LYS A 55 -27.04 11.94 -8.97
CA LYS A 55 -27.26 13.22 -9.68
C LYS A 55 -26.54 14.36 -8.99
N ASP A 56 -25.92 15.21 -9.79
CA ASP A 56 -25.16 16.32 -9.26
C ASP A 56 -25.99 17.62 -9.34
N ILE A 57 -26.93 17.75 -8.43
CA ILE A 57 -27.76 18.94 -8.50
C ILE A 57 -27.30 19.98 -7.52
N ASP A 58 -27.55 21.23 -7.88
CA ASP A 58 -27.26 22.36 -7.02
C ASP A 58 -28.19 22.34 -5.82
N GLY A 59 -27.65 22.06 -4.63
CA GLY A 59 -28.48 22.04 -3.44
C GLY A 59 -28.66 23.37 -2.70
N GLY A 60 -28.10 24.46 -3.25
CA GLY A 60 -28.15 25.75 -2.59
C GLY A 60 -26.79 26.08 -1.99
N VAL A 61 -26.80 26.74 -0.84
CA VAL A 61 -25.56 27.11 -0.15
C VAL A 61 -24.77 25.84 0.19
N TRP A 62 -25.46 24.75 0.52
CA TRP A 62 -24.78 23.47 0.64
C TRP A 62 -24.89 22.90 -0.76
N LYS A 63 -23.85 23.14 -1.56
CA LYS A 63 -23.94 22.89 -3.00
C LYS A 63 -24.30 21.44 -3.36
N GLN A 64 -23.84 20.50 -2.56
CA GLN A 64 -24.03 19.08 -2.85
C GLN A 64 -25.02 18.40 -1.90
N GLY A 65 -25.76 19.22 -1.15
CA GLY A 65 -26.76 18.73 -0.21
C GLY A 65 -28.14 19.33 -0.49
N TRP A 66 -28.74 19.89 0.56
CA TRP A 66 -30.07 20.52 0.46
C TRP A 66 -30.13 21.58 1.57
N ASN A 67 -31.19 22.38 1.60
CA ASN A 67 -31.37 23.36 2.67
C ASN A 67 -31.89 22.69 3.95
N ILE A 68 -31.01 22.55 4.94
CA ILE A 68 -31.36 21.81 6.13
C ILE A 68 -32.33 22.66 6.95
N LYS A 69 -33.36 22.00 7.46
CA LYS A 69 -34.31 22.65 8.38
C LYS A 69 -34.24 21.96 9.73
N TYR A 70 -34.51 22.72 10.79
CA TYR A 70 -34.56 22.15 12.10
C TYR A 70 -35.71 22.80 12.88
N ASP A 71 -36.19 22.06 13.87
CA ASP A 71 -37.18 22.56 14.82
C ASP A 71 -36.48 23.23 15.98
N PRO A 72 -36.68 24.53 16.18
CA PRO A 72 -35.98 25.23 17.26
C PRO A 72 -36.31 24.62 18.62
N LEU A 73 -37.44 23.92 18.73
CA LEU A 73 -37.84 23.36 20.01
C LEU A 73 -37.20 22.00 20.35
N LYS A 74 -36.40 21.45 19.43
CA LYS A 74 -35.68 20.20 19.70
C LYS A 74 -34.77 20.25 20.94
N TYR A 75 -34.10 21.38 21.09
CA TYR A 75 -33.20 21.60 22.21
C TYR A 75 -33.90 22.54 23.20
N ASN A 76 -33.75 22.23 24.49
CA ASN A 76 -34.36 22.99 25.59
C ASN A 76 -33.50 22.83 26.87
N ALA A 77 -33.97 23.36 28.01
CA ALA A 77 -33.16 23.37 29.24
C ALA A 77 -32.74 21.98 29.71
N HIS A 78 -33.54 20.97 29.40
CA HIS A 78 -33.23 19.60 29.84
C HIS A 78 -32.71 18.75 28.70
N HIS A 79 -32.33 19.39 27.60
CA HIS A 79 -31.76 18.67 26.47
C HIS A 79 -31.02 19.68 25.61
N LYS A 80 -29.76 19.93 25.96
CA LYS A 80 -29.01 20.97 25.29
C LYS A 80 -28.18 20.32 24.17
N LEU A 81 -27.80 21.13 23.20
CA LEU A 81 -26.83 20.69 22.19
C LEU A 81 -25.43 20.95 22.76
N LYS A 82 -24.64 19.88 22.85
CA LYS A 82 -23.29 19.99 23.39
C LYS A 82 -22.33 20.07 22.20
N VAL A 83 -21.58 21.17 22.09
CA VAL A 83 -20.75 21.44 20.91
C VAL A 83 -19.27 21.40 21.28
N PHE A 84 -18.52 20.52 20.61
CA PHE A 84 -17.06 20.49 20.82
C PHE A 84 -16.34 21.07 19.63
N VAL A 85 -15.63 22.17 19.86
CA VAL A 85 -14.83 22.81 18.80
C VAL A 85 -13.40 22.30 18.95
N VAL A 86 -12.91 21.59 17.92
CA VAL A 86 -11.67 20.86 18.04
C VAL A 86 -10.59 21.47 17.13
N PRO A 87 -9.66 22.26 17.70
CA PRO A 87 -8.59 22.90 16.91
C PRO A 87 -7.61 21.87 16.38
N HIS A 88 -7.22 22.05 15.13
CA HIS A 88 -6.28 21.07 14.50
C HIS A 88 -5.47 21.79 13.40
N SER A 89 -4.42 21.11 12.96
CA SER A 89 -3.50 21.64 11.96
C SER A 89 -3.04 20.47 11.07
N HIS A 90 -3.43 20.50 9.80
CA HIS A 90 -3.09 19.39 8.88
C HIS A 90 -1.65 19.60 8.38
N ASN A 91 -0.78 18.68 8.73
CA ASN A 91 0.63 18.82 8.39
C ASN A 91 1.07 17.67 7.50
N ASP A 92 1.30 17.96 6.24
CA ASP A 92 1.73 16.97 5.28
C ASP A 92 3.24 16.67 5.39
N PRO A 93 3.62 15.42 5.66
CA PRO A 93 5.06 15.00 5.65
C PRO A 93 5.62 14.89 4.22
N GLY A 94 5.64 16.04 3.55
CA GLY A 94 6.06 16.16 2.15
C GLY A 94 4.82 16.33 1.29
N TRP A 95 4.86 17.31 0.38
CA TRP A 95 3.83 17.46 -0.64
C TRP A 95 4.35 18.50 -1.66
N ILE A 96 4.19 19.80 -1.34
CA ILE A 96 4.68 20.92 -2.12
C ILE A 96 6.08 21.31 -1.70
N GLN A 97 6.45 20.96 -0.45
CA GLN A 97 7.83 21.05 0.03
C GLN A 97 8.21 19.65 0.55
N THR A 98 9.49 19.40 0.78
CA THR A 98 9.89 18.13 1.43
C THR A 98 9.51 18.13 2.90
N PHE A 99 9.57 16.95 3.50
CA PHE A 99 9.43 16.86 4.93
C PHE A 99 10.29 17.89 5.71
N GLU A 100 11.58 17.94 5.42
CA GLU A 100 12.44 18.83 6.20
C GLU A 100 12.18 20.29 5.91
N GLU A 101 11.85 20.60 4.67
CA GLU A 101 11.50 21.99 4.30
C GLU A 101 10.26 22.45 5.05
N TYR A 102 9.21 21.64 5.00
CA TYR A 102 8.03 21.99 5.84
C TYR A 102 8.35 22.08 7.34
N TYR A 103 9.18 21.18 7.83
CA TYR A 103 9.48 21.20 9.27
C TYR A 103 10.13 22.56 9.62
N GLN A 104 11.08 22.97 8.80
CA GLN A 104 11.87 24.19 9.07
C GLN A 104 11.02 25.43 8.90
N HIS A 105 10.16 25.45 7.87
CA HIS A 105 9.39 26.67 7.53
C HIS A 105 8.09 26.81 8.30
N ASP A 106 7.50 25.68 8.72
CA ASP A 106 6.12 25.65 9.23
C ASP A 106 5.93 24.86 10.51
N THR A 107 6.18 23.55 10.46
CA THR A 107 5.76 22.69 11.54
C THR A 107 6.51 22.92 12.85
N LYS A 108 7.79 23.28 12.75
CA LYS A 108 8.47 23.51 14.05
C LYS A 108 7.86 24.71 14.79
N HIS A 109 7.43 25.69 14.03
CA HIS A 109 6.78 26.87 14.61
C HIS A 109 5.39 26.56 15.12
N ILE A 110 4.62 25.76 14.37
CA ILE A 110 3.31 25.34 14.84
C ILE A 110 3.42 24.62 16.19
N LEU A 111 4.31 23.62 16.27
CA LEU A 111 4.47 22.88 17.51
C LEU A 111 5.04 23.73 18.67
N SER A 112 5.96 24.63 18.36
CA SER A 112 6.52 25.52 19.40
CA SER A 112 6.53 25.53 19.38
C SER A 112 5.44 26.44 19.95
N ASN A 113 4.66 27.03 19.05
CA ASN A 113 3.56 27.92 19.46
C ASN A 113 2.39 27.19 20.09
N ALA A 114 2.15 25.93 19.70
CA ALA A 114 1.14 25.12 20.37
C ALA A 114 1.59 24.85 21.82
N LEU A 115 2.87 24.53 22.01
CA LEU A 115 3.37 24.30 23.36
C LEU A 115 3.18 25.57 24.26
N ARG A 116 3.56 26.72 23.72
CA ARG A 116 3.46 27.94 24.50
C ARG A 116 2.00 28.30 24.77
N HIS A 117 1.18 28.28 23.74
CA HIS A 117 -0.21 28.71 23.89
CA HIS A 117 -0.19 28.70 23.87
C HIS A 117 -1.04 27.79 24.73
N LEU A 118 -0.88 26.48 24.59
CA LEU A 118 -1.63 25.57 25.43
C LEU A 118 -1.11 25.67 26.88
N HIS A 119 0.20 25.81 27.06
CA HIS A 119 0.72 25.95 28.44
C HIS A 119 0.05 27.17 29.11
N ASP A 120 -0.02 28.29 28.39
CA ASP A 120 -0.55 29.55 28.97
C ASP A 120 -2.06 29.69 29.05
N ASN A 121 -2.80 28.83 28.35
CA ASN A 121 -4.25 28.92 28.26
C ASN A 121 -4.85 27.55 28.53
N PRO A 122 -5.07 27.25 29.81
CA PRO A 122 -5.45 25.89 30.24
C PRO A 122 -6.73 25.32 29.61
N GLU A 123 -7.64 26.16 29.14
CA GLU A 123 -8.89 25.68 28.49
C GLU A 123 -8.75 25.40 26.98
N MET A 124 -7.66 25.85 26.37
CA MET A 124 -7.44 25.65 24.93
C MET A 124 -7.04 24.18 24.71
N LYS A 125 -7.40 23.65 23.52
CA LYS A 125 -7.14 22.25 23.19
C LYS A 125 -6.61 22.17 21.79
N PHE A 126 -5.97 21.05 21.44
CA PHE A 126 -5.40 20.89 20.08
C PHE A 126 -5.23 19.39 19.86
N ILE A 127 -5.49 18.92 18.61
CA ILE A 127 -5.19 17.52 18.27
C ILE A 127 -4.05 17.43 17.26
N TRP A 128 -3.29 16.35 17.36
CA TRP A 128 -2.13 16.14 16.49
C TRP A 128 -2.10 14.72 15.93
N ALA A 129 -1.88 14.62 14.61
CA ALA A 129 -1.93 13.31 13.94
C ALA A 129 -0.60 12.70 13.50
N GLU A 130 0.31 13.53 13.00
CA GLU A 130 1.49 13.03 12.26
C GLU A 130 2.68 12.90 13.18
N ILE A 131 2.95 11.67 13.64
CA ILE A 131 4.02 11.50 14.62
C ILE A 131 5.44 11.64 14.03
N SER A 132 5.60 11.48 12.70
CA SER A 132 6.91 11.77 12.10
C SER A 132 7.39 13.19 12.47
N TYR A 133 6.48 14.15 12.36
CA TYR A 133 6.83 15.55 12.66
C TYR A 133 7.00 15.70 14.17
N PHE A 134 6.08 15.09 14.93
CA PHE A 134 6.12 15.32 16.38
C PHE A 134 7.44 14.78 16.96
N ALA A 135 7.87 13.59 16.49
CA ALA A 135 9.16 13.02 16.93
C ALA A 135 10.35 13.91 16.50
N ARG A 136 10.32 14.41 15.27
CA ARG A 136 11.36 15.32 14.77
C ARG A 136 11.49 16.56 15.68
N PHE A 137 10.34 17.10 16.11
CA PHE A 137 10.29 18.28 16.98
C PHE A 137 10.76 17.98 18.41
N TYR A 138 10.23 16.89 18.97
CA TYR A 138 10.40 16.61 20.39
C TYR A 138 11.86 16.32 20.71
N HIS A 139 12.55 15.65 19.80
CA HIS A 139 13.93 15.30 20.02
C HIS A 139 14.86 16.53 19.95
N ASP A 140 14.38 17.62 19.36
CA ASP A 140 15.14 18.90 19.31
C ASP A 140 14.87 19.83 20.50
N LEU A 141 13.88 19.47 21.31
CA LEU A 141 13.55 20.24 22.53
C LEU A 141 14.50 20.03 23.69
N GLY A 142 14.76 21.11 24.42
CA GLY A 142 15.40 21.00 25.72
C GLY A 142 14.52 20.29 26.73
N GLU A 143 15.15 19.81 27.79
CA GLU A 143 14.46 19.05 28.83
C GLU A 143 13.32 19.84 29.46
N ASN A 144 13.51 21.13 29.71
CA ASN A 144 12.48 21.96 30.34
C ASN A 144 11.19 21.92 29.49
N LYS A 145 11.36 22.09 28.19
CA LYS A 145 10.25 22.07 27.23
C LYS A 145 9.68 20.66 26.99
N LYS A 146 10.52 19.62 26.98
CA LYS A 146 9.99 18.23 26.93
C LYS A 146 9.03 18.00 28.12
N LEU A 147 9.40 18.50 29.30
CA LEU A 147 8.58 18.30 30.48
C LEU A 147 7.26 19.11 30.37
N GLN A 148 7.35 20.34 29.87
CA GLN A 148 6.14 21.11 29.62
C GLN A 148 5.21 20.38 28.62
N MET A 149 5.81 19.77 27.60
CA MET A 149 5.04 19.08 26.57
C MET A 149 4.36 17.86 27.15
N LYS A 150 5.10 17.08 27.94
CA LYS A 150 4.49 15.89 28.59
C LYS A 150 3.31 16.32 29.48
N SER A 151 3.43 17.47 30.12
CA SER A 151 2.38 17.95 31.01
CA SER A 151 2.37 17.95 31.00
C SER A 151 1.08 18.32 30.27
N ILE A 152 1.18 19.00 29.12
CA ILE A 152 -0.05 19.33 28.38
C ILE A 152 -0.70 18.12 27.69
N VAL A 153 0.07 17.06 27.46
CA VAL A 153 -0.49 15.79 26.97
C VAL A 153 -1.15 15.06 28.14
N LYS A 154 -0.44 14.99 29.27
CA LYS A 154 -0.97 14.28 30.43
C LYS A 154 -2.29 14.86 30.93
N ASN A 155 -2.41 16.18 30.87
N ASN A 155 -2.42 16.17 30.82
CA ASN A 155 -3.61 16.89 31.30
CA ASN A 155 -3.61 16.79 31.31
C ASN A 155 -4.73 17.04 30.25
C ASN A 155 -4.71 17.05 30.25
N GLY A 156 -4.54 16.46 29.08
CA GLY A 156 -5.59 16.37 28.06
C GLY A 156 -5.78 17.57 27.16
N GLN A 157 -4.89 18.57 27.23
CA GLN A 157 -4.96 19.69 26.34
C GLN A 157 -4.51 19.36 24.93
N LEU A 158 -3.35 18.68 24.81
CA LEU A 158 -2.88 18.24 23.50
CA LEU A 158 -2.83 18.23 23.52
C LEU A 158 -3.13 16.74 23.41
N GLU A 159 -3.85 16.35 22.37
CA GLU A 159 -4.25 14.94 22.23
C GLU A 159 -3.80 14.38 20.89
N PHE A 160 -3.18 13.22 20.90
CA PHE A 160 -2.79 12.57 19.67
C PHE A 160 -3.97 11.79 19.16
N VAL A 161 -4.19 11.93 17.86
CA VAL A 161 -5.22 11.21 17.14
C VAL A 161 -4.52 10.28 16.15
N THR A 162 -5.02 9.04 16.10
CA THR A 162 -4.37 7.93 15.36
C THR A 162 -2.99 7.56 15.89
N GLY A 163 -2.07 8.51 15.81
CA GLY A 163 -0.71 8.28 16.28
C GLY A 163 0.15 7.52 15.34
N GLY A 164 -0.23 7.46 14.05
CA GLY A 164 0.70 6.87 13.10
C GLY A 164 1.85 7.79 12.73
N TRP A 165 2.89 7.23 12.09
CA TRP A 165 3.97 8.06 11.59
C TRP A 165 3.46 9.13 10.63
N VAL A 166 2.47 8.73 9.84
CA VAL A 166 1.77 9.60 8.89
C VAL A 166 0.26 9.36 8.98
N MET A 167 -0.48 10.07 8.13
CA MET A 167 -1.87 9.76 7.83
C MET A 167 -1.89 9.15 6.43
N PRO A 168 -1.88 7.83 6.36
CA PRO A 168 -1.54 7.17 5.08
C PRO A 168 -2.62 7.23 4.03
N ASP A 169 -2.17 7.12 2.78
CA ASP A 169 -3.07 6.72 1.69
C ASP A 169 -3.72 5.42 2.10
N GLU A 170 -4.95 5.25 1.64
CA GLU A 170 -5.71 4.03 1.88
C GLU A 170 -5.97 3.21 0.60
N ALA A 171 -5.58 3.73 -0.56
CA ALA A 171 -5.85 3.05 -1.83
C ALA A 171 -4.70 2.16 -2.26
N ASN A 172 -3.49 2.72 -2.25
CA ASN A 172 -2.35 2.02 -2.86
C ASN A 172 -1.51 1.29 -1.81
N SER A 173 -1.68 1.69 -0.56
CA SER A 173 -0.87 1.16 0.54
C SER A 173 -1.17 -0.31 0.82
N HIS A 174 -0.10 -1.07 1.03
CA HIS A 174 -0.28 -2.43 1.52
C HIS A 174 -0.63 -2.45 3.01
N TRP A 175 -1.54 -3.35 3.40
CA TRP A 175 -1.95 -3.40 4.81
C TRP A 175 -0.72 -3.55 5.72
N ARG A 176 0.30 -4.29 5.25
CA ARG A 176 1.48 -4.53 6.10
C ARG A 176 2.21 -3.22 6.39
N ASN A 177 2.19 -2.31 5.42
CA ASN A 177 2.88 -1.02 5.61
C ASN A 177 1.99 -0.03 6.39
N VAL A 178 0.67 -0.17 6.25
CA VAL A 178 -0.23 0.64 7.08
C VAL A 178 0.03 0.24 8.54
N LEU A 179 0.11 -1.07 8.81
CA LEU A 179 0.47 -1.49 10.16
C LEU A 179 1.85 -1.01 10.58
N LEU A 180 2.82 -1.08 9.66
CA LEU A 180 4.21 -0.70 10.04
C LEU A 180 4.21 0.77 10.49
N GLN A 181 3.56 1.66 9.74
CA GLN A 181 3.66 3.09 10.08
C GLN A 181 2.86 3.41 11.34
N LEU A 182 1.72 2.73 11.54
CA LEU A 182 0.93 2.87 12.77
C LEU A 182 1.76 2.47 13.97
N THR A 183 2.43 1.32 13.85
CA THR A 183 3.28 0.81 14.94
C THR A 183 4.45 1.77 15.20
N GLU A 184 5.05 2.32 14.14
CA GLU A 184 6.24 3.20 14.33
C GLU A 184 5.83 4.44 15.15
N GLY A 185 4.71 5.05 14.78
CA GLY A 185 4.22 6.23 15.50
C GLY A 185 3.76 5.89 16.91
N GLN A 186 3.00 4.80 17.06
CA GLN A 186 2.45 4.47 18.38
C GLN A 186 3.53 3.99 19.34
N THR A 187 4.54 3.29 18.81
CA THR A 187 5.64 2.87 19.69
C THR A 187 6.41 4.08 20.22
N TRP A 188 6.58 5.08 19.38
CA TRP A 188 7.24 6.32 19.77
C TRP A 188 6.38 7.01 20.86
N LEU A 189 5.09 7.10 20.63
CA LEU A 189 4.19 7.75 21.60
C LEU A 189 4.18 7.03 22.94
N LYS A 190 4.18 5.69 22.93
CA LYS A 190 4.16 4.98 24.22
C LYS A 190 5.45 5.26 24.96
N GLN A 191 6.55 5.19 24.24
CA GLN A 191 7.86 5.38 24.84
C GLN A 191 8.05 6.77 25.42
N PHE A 192 7.68 7.81 24.67
CA PHE A 192 8.01 9.18 25.09
C PHE A 192 6.90 9.99 25.74
N MET A 193 5.65 9.68 25.38
CA MET A 193 4.50 10.46 25.82
CA MET A 193 4.51 10.46 25.85
C MET A 193 3.59 9.64 26.76
N ASN A 194 3.86 8.35 26.88
CA ASN A 194 3.05 7.44 27.69
C ASN A 194 1.57 7.46 27.34
N VAL A 195 1.29 7.45 26.05
CA VAL A 195 -0.10 7.43 25.61
C VAL A 195 -0.24 6.60 24.34
N THR A 196 -1.39 5.96 24.21
CA THR A 196 -1.77 5.22 22.99
C THR A 196 -3.15 5.68 22.54
N PRO A 197 -3.24 6.41 21.42
CA PRO A 197 -4.56 6.84 20.94
C PRO A 197 -5.52 5.70 20.66
N THR A 198 -6.79 5.92 20.96
CA THR A 198 -7.86 4.97 20.63
C THR A 198 -8.88 5.54 19.68
N ALA A 199 -8.65 6.78 19.27
CA ALA A 199 -9.44 7.43 18.23
C ALA A 199 -8.56 7.82 17.03
N SER A 200 -9.05 7.51 15.84
CA SER A 200 -8.38 7.82 14.59
C SER A 200 -9.02 8.99 13.85
N TRP A 201 -8.16 9.76 13.20
CA TRP A 201 -8.50 11.00 12.48
C TRP A 201 -7.88 10.89 11.11
N ALA A 202 -8.72 10.66 10.10
CA ALA A 202 -8.21 10.55 8.73
C ALA A 202 -9.00 11.51 7.81
N ILE A 203 -8.64 12.79 7.84
CA ILE A 203 -9.40 13.82 7.14
C ILE A 203 -8.98 13.98 5.68
N ALA A 204 -7.85 13.38 5.29
CA ALA A 204 -7.23 13.74 4.00
C ALA A 204 -7.03 12.64 2.94
N PRO A 205 -6.94 11.33 3.26
CA PRO A 205 -6.76 10.36 2.14
C PRO A 205 -7.86 10.42 1.10
N PHE A 206 -7.58 10.06 -0.16
CA PHE A 206 -8.52 10.36 -1.25
C PHE A 206 -9.48 9.15 -1.45
N GLY A 207 -10.52 9.07 -0.61
CA GLY A 207 -11.28 7.84 -0.48
C GLY A 207 -10.76 6.98 0.68
N HIS A 208 -11.60 6.06 1.17
CA HIS A 208 -11.30 5.34 2.41
C HIS A 208 -11.55 3.84 2.29
N SER A 209 -10.69 3.08 2.94
CA SER A 209 -10.72 1.59 2.89
C SER A 209 -11.09 0.93 4.19
N PRO A 210 -11.87 -0.15 4.17
CA PRO A 210 -12.18 -0.90 5.41
C PRO A 210 -10.95 -1.58 6.01
N THR A 211 -9.81 -1.61 5.29
CA THR A 211 -8.56 -2.09 5.92
C THR A 211 -8.18 -1.30 7.15
N MET A 212 -8.53 -0.01 7.14
CA MET A 212 -8.27 0.82 8.33
C MET A 212 -9.00 0.38 9.60
N PRO A 213 -10.33 0.32 9.63
CA PRO A 213 -10.97 -0.21 10.85
C PRO A 213 -10.51 -1.64 11.15
N TYR A 214 -10.21 -2.46 10.13
CA TYR A 214 -9.71 -3.82 10.42
C TYR A 214 -8.45 -3.79 11.32
N ILE A 215 -7.45 -3.00 10.89
CA ILE A 215 -6.20 -2.87 11.61
C ILE A 215 -6.42 -2.09 12.94
N LEU A 216 -7.19 -1.02 12.89
CA LEU A 216 -7.34 -0.23 14.12
C LEU A 216 -8.06 -0.98 15.22
N GLN A 217 -9.13 -1.71 14.87
CA GLN A 217 -9.87 -2.43 15.89
C GLN A 217 -9.03 -3.53 16.52
N LYS A 218 -8.05 -4.04 15.76
CA LYS A 218 -7.15 -5.08 16.31
C LYS A 218 -5.92 -4.44 17.00
N SER A 219 -5.91 -3.11 17.05
CA SER A 219 -4.84 -2.32 17.67
C SER A 219 -5.38 -1.43 18.82
N GLY A 220 -6.48 -1.88 19.44
CA GLY A 220 -7.05 -1.21 20.60
C GLY A 220 -7.97 -0.02 20.33
N PHE A 221 -8.23 0.31 19.06
CA PHE A 221 -9.04 1.52 18.79
C PHE A 221 -10.50 1.26 19.06
N LYS A 222 -11.18 2.35 19.41
CA LYS A 222 -12.61 2.32 19.68
C LYS A 222 -13.43 3.20 18.73
N ASN A 223 -12.76 4.12 18.05
CA ASN A 223 -13.46 5.09 17.22
C ASN A 223 -12.58 5.57 16.07
N MET A 224 -13.20 5.93 14.95
CA MET A 224 -12.48 6.56 13.86
C MET A 224 -13.29 7.60 13.13
N LEU A 225 -12.60 8.50 12.46
CA LEU A 225 -13.22 9.57 11.69
C LEU A 225 -12.65 9.59 10.29
N ILE A 226 -13.53 9.78 9.31
CA ILE A 226 -13.12 9.91 7.90
C ILE A 226 -13.81 11.10 7.24
N GLN A 227 -13.33 11.53 6.07
CA GLN A 227 -13.83 12.75 5.42
C GLN A 227 -14.00 12.68 3.90
N ARG A 228 -13.01 12.15 3.19
N ARG A 228 -13.01 12.14 3.19
CA ARG A 228 -13.05 12.25 1.74
CA ARG A 228 -13.03 12.27 1.72
C ARG A 228 -13.79 11.06 1.16
C ARG A 228 -13.77 11.12 1.07
N THR A 229 -15.10 11.22 1.10
CA THR A 229 -15.97 10.25 0.42
C THR A 229 -16.78 10.99 -0.62
N HIS A 230 -17.27 10.23 -1.61
CA HIS A 230 -17.98 10.83 -2.74
C HIS A 230 -19.11 11.76 -2.29
N TYR A 231 -19.26 12.92 -2.93
CA TYR A 231 -20.30 13.85 -2.48
C TYR A 231 -21.69 13.23 -2.49
N SER A 232 -21.93 12.30 -3.39
CA SER A 232 -23.27 11.66 -3.47
C SER A 232 -23.52 10.74 -2.28
N VAL A 233 -22.45 10.07 -1.84
CA VAL A 233 -22.48 9.22 -0.65
C VAL A 233 -22.76 10.05 0.64
N LYS A 234 -22.08 11.19 0.78
CA LYS A 234 -22.37 12.09 1.91
C LYS A 234 -23.83 12.50 1.93
N LYS A 235 -24.38 12.89 0.76
CA LYS A 235 -25.79 13.31 0.68
C LYS A 235 -26.75 12.21 1.07
N GLU A 236 -26.53 11.02 0.53
CA GLU A 236 -27.38 9.86 0.80
C GLU A 236 -27.35 9.45 2.26
N LEU A 237 -26.15 9.33 2.85
CA LEU A 237 -26.06 8.93 4.25
C LEU A 237 -26.61 10.05 5.15
N ALA A 238 -26.33 11.31 4.83
CA ALA A 238 -26.85 12.43 5.65
C ALA A 238 -28.40 12.39 5.74
N GLN A 239 -29.04 12.14 4.61
CA GLN A 239 -30.52 12.08 4.57
C GLN A 239 -31.08 11.04 5.52
N GLN A 240 -30.34 9.96 5.76
CA GLN A 240 -30.79 8.88 6.61
C GLN A 240 -30.16 8.94 8.00
N ARG A 241 -29.43 10.02 8.30
CA ARG A 241 -28.61 10.10 9.50
C ARG A 241 -27.79 8.81 9.71
N GLN A 242 -27.13 8.38 8.63
CA GLN A 242 -26.22 7.21 8.68
C GLN A 242 -24.76 7.61 8.49
N LEU A 243 -24.43 8.85 8.90
CA LEU A 243 -23.03 9.31 8.84
C LEU A 243 -22.15 8.78 9.98
N GLU A 244 -22.78 8.30 11.05
CA GLU A 244 -22.07 7.57 12.11
C GLU A 244 -22.57 6.16 12.06
N PHE A 245 -21.64 5.22 11.96
CA PHE A 245 -22.01 3.82 11.78
C PHE A 245 -20.98 2.86 12.35
N LEU A 246 -21.40 1.63 12.60
CA LEU A 246 -20.48 0.58 13.04
C LEU A 246 -19.94 -0.11 11.78
N TRP A 247 -18.67 0.16 11.46
CA TRP A 247 -18.12 -0.31 10.17
C TRP A 247 -17.47 -1.67 10.39
N ARG A 248 -18.11 -2.71 9.84
CA ARG A 248 -17.54 -4.06 9.92
C ARG A 248 -17.02 -4.53 8.57
N GLN A 249 -16.21 -5.59 8.58
CA GLN A 249 -15.70 -6.10 7.30
C GLN A 249 -16.81 -6.77 6.50
N ILE A 250 -16.62 -6.81 5.18
CA ILE A 250 -17.63 -7.31 4.26
C ILE A 250 -18.02 -8.79 4.51
N TRP A 251 -17.10 -9.59 5.06
CA TRP A 251 -17.39 -11.02 5.31
C TRP A 251 -17.86 -11.33 6.73
N ASP A 252 -17.99 -10.30 7.57
CA ASP A 252 -18.15 -10.51 9.00
C ASP A 252 -19.61 -10.63 9.39
N ASN A 253 -20.05 -11.87 9.57
N ASN A 253 -20.09 -11.85 9.59
CA ASN A 253 -21.44 -12.15 9.91
CA ASN A 253 -21.50 -12.01 9.91
C ASN A 253 -21.85 -11.70 11.31
C ASN A 253 -21.86 -11.63 11.33
N LYS A 254 -20.96 -11.88 12.27
CA LYS A 254 -21.19 -11.63 13.69
C LYS A 254 -21.06 -10.17 14.05
N GLY A 255 -20.10 -9.49 13.43
CA GLY A 255 -19.85 -8.10 13.75
C GLY A 255 -18.71 -7.84 14.72
N ASP A 256 -17.88 -8.83 15.06
CA ASP A 256 -16.78 -8.60 15.99
C ASP A 256 -15.70 -7.68 15.44
N THR A 257 -15.62 -7.47 14.13
CA THR A 257 -14.65 -6.51 13.59
C THR A 257 -15.15 -5.07 13.66
N ALA A 258 -16.39 -4.83 14.11
CA ALA A 258 -17.01 -3.48 13.94
C ALA A 258 -16.23 -2.39 14.66
N LEU A 259 -16.15 -1.23 14.02
CA LEU A 259 -15.51 -0.07 14.63
C LEU A 259 -16.37 1.15 14.44
N PHE A 260 -16.67 1.88 15.51
CA PHE A 260 -17.52 3.05 15.34
C PHE A 260 -16.80 4.11 14.50
N THR A 261 -17.50 4.56 13.46
CA THR A 261 -16.96 5.50 12.48
C THR A 261 -17.84 6.75 12.35
N HIS A 262 -17.18 7.91 12.32
CA HIS A 262 -17.85 9.17 12.04
C HIS A 262 -17.37 9.70 10.67
N MET A 263 -18.28 9.82 9.71
CA MET A 263 -18.02 10.48 8.44
C MET A 263 -18.46 11.94 8.49
N MET A 264 -17.51 12.85 8.22
CA MET A 264 -17.80 14.29 8.12
CA MET A 264 -17.84 14.26 8.14
C MET A 264 -18.71 14.50 6.91
N PRO A 265 -19.62 15.50 6.98
CA PRO A 265 -20.67 15.58 5.96
C PRO A 265 -20.41 16.45 4.75
N PHE A 266 -19.42 17.34 4.81
CA PHE A 266 -19.32 18.42 3.83
C PHE A 266 -18.08 18.27 2.91
N TYR A 267 -17.85 19.27 2.07
CA TYR A 267 -16.92 19.11 0.93
C TYR A 267 -15.45 19.09 1.35
N SER A 268 -15.14 19.74 2.46
CA SER A 268 -13.74 19.85 2.89
C SER A 268 -13.64 19.79 4.42
N TYR A 269 -12.40 19.61 4.93
CA TYR A 269 -12.13 19.67 6.37
C TYR A 269 -11.71 21.09 6.83
N ASP A 270 -11.71 22.06 5.90
CA ASP A 270 -11.30 23.44 6.27
C ASP A 270 -12.43 24.11 7.04
N ILE A 271 -12.18 25.30 7.58
CA ILE A 271 -13.16 25.93 8.48
C ILE A 271 -14.48 26.26 7.76
N PRO A 272 -14.42 26.79 6.51
CA PRO A 272 -15.66 27.07 5.79
C PRO A 272 -16.57 25.86 5.59
N HIS A 273 -16.04 24.64 5.63
CA HIS A 273 -16.87 23.46 5.42
C HIS A 273 -16.97 22.56 6.64
N THR A 274 -16.73 23.14 7.82
CA THR A 274 -16.84 22.35 9.07
C THR A 274 -17.75 22.93 10.15
N CYS A 275 -18.15 24.19 10.02
CA CYS A 275 -19.09 24.77 11.01
C CYS A 275 -20.59 24.44 10.75
N GLY A 276 -20.92 24.10 9.51
CA GLY A 276 -22.30 23.93 9.06
C GLY A 276 -22.35 23.97 7.56
N PRO A 277 -23.56 23.95 6.99
CA PRO A 277 -23.75 23.78 5.54
C PRO A 277 -23.44 24.95 4.63
N ASP A 278 -23.35 26.16 5.18
CA ASP A 278 -23.13 27.35 4.35
C ASP A 278 -21.72 27.91 4.50
N PRO A 279 -20.84 27.64 3.53
CA PRO A 279 -19.44 28.07 3.65
C PRO A 279 -19.30 29.59 3.70
N LYS A 280 -20.24 30.34 3.12
CA LYS A 280 -20.15 31.81 3.15
C LYS A 280 -20.30 32.33 4.58
N VAL A 281 -21.06 31.58 5.38
CA VAL A 281 -21.19 31.90 6.79
C VAL A 281 -20.00 31.36 7.59
N CYS A 282 -19.68 30.07 7.40
CA CYS A 282 -18.60 29.45 8.16
C CYS A 282 -17.25 30.16 7.96
N CYS A 283 -17.02 30.68 6.75
CA CYS A 283 -15.78 31.38 6.45
C CYS A 283 -15.59 32.61 7.37
N GLN A 284 -16.71 33.23 7.80
CA GLN A 284 -16.66 34.38 8.71
C GLN A 284 -16.25 34.00 10.14
N PHE A 285 -16.14 32.69 10.39
CA PHE A 285 -15.66 32.19 11.69
C PHE A 285 -14.28 31.54 11.62
N ASP A 286 -13.57 31.86 10.55
CA ASP A 286 -12.14 31.55 10.45
C ASP A 286 -11.42 32.87 10.65
N PHE A 287 -11.01 33.15 11.87
CA PHE A 287 -10.47 34.47 12.17
C PHE A 287 -9.10 34.76 11.63
N LYS A 288 -8.49 33.77 10.96
CA LYS A 288 -7.26 34.04 10.23
C LYS A 288 -7.49 34.75 8.87
N ARG A 289 -8.76 34.93 8.48
CA ARG A 289 -9.05 35.44 7.14
C ARG A 289 -9.42 36.95 7.06
N MET A 290 -8.90 37.79 7.97
CA MET A 290 -9.30 39.21 7.94
C MET A 290 -8.38 40.14 7.10
N GLY A 291 -7.23 39.64 6.66
CA GLY A 291 -6.35 40.37 5.76
C GLY A 291 -4.84 40.31 6.08
N SER A 292 -4.50 40.52 7.35
CA SER A 292 -3.10 40.66 7.73
C SER A 292 -2.28 39.35 7.58
N PHE A 293 -2.99 38.22 7.47
CA PHE A 293 -2.33 36.92 7.28
C PHE A 293 -2.27 36.50 5.82
N GLY A 294 -2.72 37.39 4.94
CA GLY A 294 -2.73 37.11 3.52
C GLY A 294 -3.77 36.10 3.08
N LEU A 295 -4.81 35.92 3.91
CA LEU A 295 -5.93 35.04 3.57
C LEU A 295 -7.23 35.81 3.51
N SER A 296 -8.16 35.32 2.70
CA SER A 296 -9.47 35.94 2.54
C SER A 296 -10.56 34.88 2.33
N CYS A 297 -11.82 35.32 2.30
CA CYS A 297 -12.98 34.42 2.05
C CYS A 297 -13.44 34.50 0.59
N PRO A 298 -13.39 33.37 -0.14
CA PRO A 298 -13.85 33.32 -1.55
C PRO A 298 -15.30 33.77 -1.72
N TRP A 299 -16.09 33.63 -0.67
CA TRP A 299 -17.52 34.01 -0.74
C TRP A 299 -17.73 35.50 -0.50
N LYS A 300 -16.64 36.25 -0.32
CA LYS A 300 -16.61 37.73 -0.34
C LYS A 300 -17.15 38.43 0.93
N VAL A 301 -17.45 37.67 1.97
CA VAL A 301 -17.84 38.27 3.27
C VAL A 301 -16.76 37.88 4.28
N PRO A 302 -16.03 38.84 4.83
CA PRO A 302 -14.88 38.52 5.69
C PRO A 302 -15.32 38.22 7.15
N PRO A 303 -14.43 37.59 7.93
CA PRO A 303 -14.70 37.49 9.37
C PRO A 303 -14.66 38.93 9.94
N ARG A 304 -15.39 39.14 11.03
CA ARG A 304 -15.25 40.36 11.82
C ARG A 304 -14.91 40.00 13.26
N THR A 305 -14.03 40.78 13.88
CA THR A 305 -13.66 40.60 15.27
C THR A 305 -14.91 40.63 16.14
N ILE A 306 -15.01 39.68 17.06
CA ILE A 306 -16.18 39.61 17.94
C ILE A 306 -16.05 40.67 19.03
N SER A 307 -17.15 41.42 19.23
CA SER A 307 -17.23 42.49 20.23
C SER A 307 -18.52 42.37 21.00
N ASP A 308 -18.66 43.13 22.08
CA ASP A 308 -19.95 43.13 22.78
C ASP A 308 -21.14 43.60 21.93
N GLN A 309 -20.87 44.42 20.92
CA GLN A 309 -21.92 44.97 20.05
C GLN A 309 -22.34 44.04 18.92
N ASN A 310 -21.48 43.11 18.49
CA ASN A 310 -21.90 42.18 17.42
C ASN A 310 -22.00 40.71 17.89
N VAL A 311 -21.70 40.41 19.13
CA VAL A 311 -21.64 39.01 19.54
C VAL A 311 -22.99 38.31 19.45
N ALA A 312 -24.07 39.03 19.72
CA ALA A 312 -25.38 38.45 19.63
C ALA A 312 -25.72 38.01 18.20
N ALA A 313 -25.50 38.91 17.25
CA ALA A 313 -25.79 38.65 15.84
C ALA A 313 -24.86 37.55 15.28
N ARG A 314 -23.58 37.61 15.65
CA ARG A 314 -22.59 36.59 15.21
C ARG A 314 -22.99 35.21 15.76
N SER A 315 -23.38 35.19 17.04
CA SER A 315 -23.79 33.93 17.72
C SER A 315 -25.06 33.40 17.06
N ASP A 316 -25.98 34.30 16.67
CA ASP A 316 -27.22 33.88 15.96
C ASP A 316 -26.84 33.09 14.71
N LEU A 317 -25.90 33.63 13.95
CA LEU A 317 -25.49 33.04 12.68
C LEU A 317 -24.79 31.71 12.93
N LEU A 318 -23.90 31.68 13.92
CA LEU A 318 -23.07 30.47 14.12
C LEU A 318 -23.93 29.34 14.70
N VAL A 319 -24.74 29.65 15.69
CA VAL A 319 -25.60 28.60 16.30
C VAL A 319 -26.55 28.01 15.28
N ASP A 320 -27.11 28.82 14.37
CA ASP A 320 -27.97 28.33 13.27
C ASP A 320 -27.20 27.31 12.39
N GLN A 321 -25.93 27.61 12.05
CA GLN A 321 -25.09 26.64 11.30
C GLN A 321 -24.92 25.34 12.08
N TRP A 322 -24.54 25.46 13.35
CA TRP A 322 -24.37 24.29 14.21
C TRP A 322 -25.64 23.43 14.28
N LYS A 323 -26.79 24.09 14.46
CA LYS A 323 -28.05 23.34 14.58
C LYS A 323 -28.43 22.63 13.30
N LYS A 324 -28.09 23.25 12.20
CA LYS A 324 -28.24 22.60 10.88
C LYS A 324 -27.32 21.37 10.78
N LYS A 325 -26.02 21.54 11.05
CA LYS A 325 -25.12 20.38 11.05
C LYS A 325 -25.63 19.26 11.98
N ALA A 326 -26.13 19.63 13.15
CA ALA A 326 -26.63 18.66 14.12
C ALA A 326 -27.82 17.82 13.62
N GLU A 327 -28.58 18.36 12.67
CA GLU A 327 -29.72 17.62 12.10
C GLU A 327 -29.28 16.36 11.35
N LEU A 328 -28.01 16.33 10.96
CA LEU A 328 -27.47 15.25 10.13
C LEU A 328 -27.02 14.05 10.96
N TYR A 329 -27.10 14.21 12.29
CA TYR A 329 -26.55 13.22 13.23
C TYR A 329 -27.57 12.85 14.32
N ARG A 330 -27.33 11.74 15.00
CA ARG A 330 -28.35 11.18 15.89
C ARG A 330 -28.31 11.60 17.37
N THR A 331 -27.18 12.13 17.84
CA THR A 331 -27.10 12.49 19.27
C THR A 331 -27.16 14.01 19.47
N ASN A 332 -27.14 14.43 20.74
CA ASN A 332 -27.05 15.88 21.04
C ASN A 332 -25.60 16.33 21.30
N VAL A 333 -24.66 15.58 20.73
CA VAL A 333 -23.25 15.94 20.83
C VAL A 333 -22.71 16.25 19.42
N LEU A 334 -22.13 17.45 19.20
CA LEU A 334 -21.79 17.89 17.85
C LEU A 334 -20.28 18.14 17.73
N LEU A 335 -19.64 17.58 16.70
CA LEU A 335 -18.23 17.80 16.43
C LEU A 335 -18.05 18.93 15.44
N ILE A 336 -17.26 19.94 15.85
CA ILE A 336 -16.89 21.06 14.97
C ILE A 336 -15.36 21.17 14.87
N PRO A 337 -14.74 20.53 13.87
CA PRO A 337 -13.29 20.75 13.66
C PRO A 337 -13.01 22.22 13.38
N LEU A 338 -11.88 22.72 13.88
CA LEU A 338 -11.45 24.10 13.64
C LEU A 338 -9.95 24.09 13.18
N GLY A 339 -9.74 24.00 11.88
CA GLY A 339 -8.36 23.94 11.37
C GLY A 339 -8.30 23.85 9.86
N ASP A 340 -7.06 23.72 9.37
CA ASP A 340 -6.79 23.64 7.95
C ASP A 340 -5.29 23.34 7.81
N ASP A 341 -4.79 23.37 6.58
CA ASP A 341 -3.40 22.96 6.34
C ASP A 341 -2.39 23.90 6.97
N PHE A 342 -1.50 23.30 7.77
CA PHE A 342 -0.40 24.03 8.42
C PHE A 342 -0.89 25.29 9.15
N ARG A 343 -2.06 25.15 9.75
CA ARG A 343 -2.56 26.19 10.66
C ARG A 343 -1.92 26.22 12.05
N PHE A 344 -2.25 27.30 12.77
CA PHE A 344 -1.74 27.54 14.13
C PHE A 344 -0.22 27.69 14.18
N LYS A 345 0.30 28.44 13.21
CA LYS A 345 1.73 28.64 13.08
C LYS A 345 2.25 29.83 13.89
N GLN A 346 1.51 30.92 13.86
CA GLN A 346 1.95 32.21 14.44
CA GLN A 346 1.94 32.15 14.49
C GLN A 346 1.18 32.39 15.76
N ASN A 347 1.86 32.99 16.73
CA ASN A 347 1.21 33.33 17.98
C ASN A 347 -0.01 34.18 17.78
N THR A 348 0.09 35.15 16.86
CA THR A 348 -1.05 36.02 16.58
C THR A 348 -2.28 35.24 16.07
N GLU A 349 -2.02 34.15 15.37
CA GLU A 349 -3.11 33.30 14.86
C GLU A 349 -3.80 32.51 16.01
N TRP A 350 -2.98 31.96 16.91
CA TRP A 350 -3.52 31.30 18.13
C TRP A 350 -4.42 32.29 18.86
N ASP A 351 -3.92 33.52 19.02
CA ASP A 351 -4.70 34.53 19.74
C ASP A 351 -6.02 34.88 19.01
N VAL A 352 -5.94 35.08 17.69
CA VAL A 352 -7.14 35.55 16.99
C VAL A 352 -8.24 34.48 16.98
N GLN A 353 -7.87 33.21 16.84
CA GLN A 353 -8.87 32.15 16.93
C GLN A 353 -9.42 31.95 18.34
N ARG A 354 -8.53 31.77 19.31
CA ARG A 354 -8.94 31.51 20.68
C ARG A 354 -9.79 32.63 21.26
N VAL A 355 -9.34 33.89 21.13
CA VAL A 355 -10.04 34.99 21.85
C VAL A 355 -11.46 35.15 21.27
N ASN A 356 -11.57 35.11 19.94
CA ASN A 356 -12.86 35.31 19.27
C ASN A 356 -13.82 34.15 19.57
N TYR A 357 -13.31 32.91 19.55
CA TYR A 357 -14.17 31.79 19.97
C TYR A 357 -14.56 31.88 21.44
N GLU A 358 -13.64 32.26 22.33
CA GLU A 358 -14.01 32.40 23.75
C GLU A 358 -15.14 33.42 23.95
N ARG A 359 -15.12 34.53 23.18
CA ARG A 359 -16.20 35.53 23.31
C ARG A 359 -17.54 34.95 22.84
N LEU A 360 -17.47 34.15 21.78
CA LEU A 360 -18.68 33.48 21.31
C LEU A 360 -19.18 32.47 22.36
N PHE A 361 -18.32 31.65 22.93
CA PHE A 361 -18.74 30.67 23.93
C PHE A 361 -19.40 31.36 25.14
N GLU A 362 -18.75 32.43 25.63
CA GLU A 362 -19.29 33.11 26.82
C GLU A 362 -20.72 33.61 26.55
N HIS A 363 -20.96 34.22 25.38
CA HIS A 363 -22.29 34.68 25.02
C HIS A 363 -23.27 33.48 24.85
N ILE A 364 -22.90 32.53 24.00
CA ILE A 364 -23.84 31.46 23.63
C ILE A 364 -24.24 30.67 24.86
N ASN A 365 -23.26 30.36 25.71
CA ASN A 365 -23.48 29.45 26.85
C ASN A 365 -24.34 30.12 27.93
N SER A 366 -24.36 31.44 27.94
CA SER A 366 -25.13 32.20 28.93
C SER A 366 -26.51 32.62 28.46
N GLN A 367 -26.81 32.43 27.17
CA GLN A 367 -28.12 32.75 26.59
C GLN A 367 -28.99 31.50 26.58
N ALA A 368 -29.81 31.35 27.62
CA ALA A 368 -30.63 30.13 27.74
C ALA A 368 -31.40 29.74 26.48
N HIS A 369 -31.88 30.73 25.73
CA HIS A 369 -32.65 30.48 24.52
C HIS A 369 -31.94 29.66 23.42
N PHE A 370 -30.61 29.68 23.40
CA PHE A 370 -29.88 28.84 22.42
C PHE A 370 -29.89 27.36 22.84
N ASN A 371 -29.91 27.10 24.16
CA ASN A 371 -29.86 25.73 24.70
C ASN A 371 -28.68 24.97 24.13
N VAL A 372 -27.54 25.68 24.12
CA VAL A 372 -26.24 25.15 23.66
C VAL A 372 -25.19 25.29 24.76
N GLN A 373 -24.32 24.29 24.91
CA GLN A 373 -23.11 24.39 25.74
C GLN A 373 -21.95 24.10 24.79
N ALA A 374 -21.21 25.14 24.42
CA ALA A 374 -20.08 25.01 23.48
C ALA A 374 -18.73 25.18 24.17
N GLN A 375 -17.72 24.44 23.70
CA GLN A 375 -16.38 24.56 24.32
C GLN A 375 -15.33 23.97 23.41
N PHE A 376 -14.07 24.35 23.61
CA PHE A 376 -13.00 23.62 22.95
C PHE A 376 -12.97 22.20 23.48
N GLY A 377 -12.69 21.26 22.58
CA GLY A 377 -12.58 19.88 23.01
C GLY A 377 -11.55 19.15 22.16
N THR A 378 -11.36 17.87 22.51
CA THR A 378 -10.52 16.97 21.72
C THR A 378 -11.43 15.95 21.03
N LEU A 379 -10.82 15.16 20.16
CA LEU A 379 -11.57 14.14 19.44
C LEU A 379 -12.11 13.05 20.38
N GLN A 380 -11.26 12.57 21.30
CA GLN A 380 -11.73 11.58 22.25
C GLN A 380 -12.90 12.09 23.12
N GLU A 381 -12.84 13.36 23.52
CA GLU A 381 -13.91 13.96 24.31
C GLU A 381 -15.23 13.90 23.52
N TYR A 382 -15.19 14.19 22.21
CA TYR A 382 -16.37 14.07 21.38
C TYR A 382 -16.91 12.63 21.43
N PHE A 383 -16.07 11.66 21.11
CA PHE A 383 -16.60 10.30 21.03
C PHE A 383 -17.08 9.79 22.39
N ASP A 384 -16.40 10.18 23.45
CA ASP A 384 -16.84 9.73 24.78
C ASP A 384 -18.25 10.24 25.04
N ALA A 385 -18.50 11.50 24.68
CA ALA A 385 -19.82 12.07 24.91
C ALA A 385 -20.86 11.39 24.01
N VAL A 386 -20.51 11.12 22.75
CA VAL A 386 -21.45 10.40 21.88
C VAL A 386 -21.87 9.06 22.47
N HIS A 387 -20.90 8.29 22.96
CA HIS A 387 -21.20 6.96 23.52
C HIS A 387 -21.96 7.05 24.85
N GLN A 388 -21.73 8.13 25.60
CA GLN A 388 -22.56 8.41 26.79
C GLN A 388 -24.03 8.57 26.38
N ALA A 389 -24.27 9.30 25.27
CA ALA A 389 -25.63 9.53 24.78
C ALA A 389 -26.23 8.20 24.34
N GLU A 390 -25.44 7.41 23.62
CA GLU A 390 -25.82 6.08 23.17
C GLU A 390 -26.26 5.17 24.32
N ARG A 391 -25.44 5.11 25.38
CA ARG A 391 -25.74 4.27 26.54
C ARG A 391 -26.97 4.79 27.29
N ALA A 392 -27.20 6.10 27.24
CA ALA A 392 -28.40 6.70 27.81
C ALA A 392 -29.66 6.34 27.00
N GLY A 393 -29.47 5.59 25.91
CA GLY A 393 -30.56 5.17 25.06
C GLY A 393 -31.07 6.27 24.16
N GLN A 394 -30.28 7.30 23.94
CA GLN A 394 -30.77 8.39 23.10
C GLN A 394 -30.51 8.19 21.60
N ALA A 395 -29.71 7.16 21.25
CA ALA A 395 -29.45 6.86 19.85
C ALA A 395 -29.01 5.40 19.67
N GLU A 396 -29.32 4.83 18.51
CA GLU A 396 -28.74 3.56 18.06
C GLU A 396 -28.12 3.82 16.71
N PHE A 397 -27.03 3.13 16.42
CA PHE A 397 -26.30 3.41 15.20
C PHE A 397 -26.41 2.28 14.19
N PRO A 398 -26.47 2.62 12.90
CA PRO A 398 -26.56 1.61 11.84
C PRO A 398 -25.25 0.87 11.65
N THR A 399 -25.33 -0.34 11.11
CA THR A 399 -24.14 -1.14 10.74
C THR A 399 -23.87 -0.92 9.24
N LEU A 400 -22.60 -1.00 8.87
CA LEU A 400 -22.23 -0.75 7.49
C LEU A 400 -21.06 -1.66 7.11
N SER A 401 -21.06 -2.13 5.86
CA SER A 401 -19.84 -2.72 5.30
C SER A 401 -19.61 -2.19 3.89
N GLY A 402 -18.37 -2.32 3.41
CA GLY A 402 -18.00 -1.84 2.08
C GLY A 402 -16.84 -0.88 2.15
N ASP A 403 -16.52 -0.27 1.03
CA ASP A 403 -15.46 0.75 0.99
C ASP A 403 -15.99 2.08 0.44
N PHE A 404 -15.09 3.05 0.35
CA PHE A 404 -15.40 4.41 -0.10
C PHE A 404 -14.45 4.81 -1.21
N PHE A 405 -14.36 3.93 -2.22
CA PHE A 405 -13.72 4.29 -3.48
C PHE A 405 -14.73 4.08 -4.61
N THR A 406 -14.61 4.79 -5.73
CA THR A 406 -13.65 5.86 -6.00
C THR A 406 -14.22 7.23 -5.63
N TYR A 407 -13.42 8.00 -4.94
CA TYR A 407 -13.80 9.34 -4.48
C TYR A 407 -13.99 10.31 -5.65
N ALA A 408 -15.06 11.10 -5.60
CA ALA A 408 -15.16 12.33 -6.38
C ALA A 408 -15.51 13.46 -5.43
N ASP A 409 -14.84 14.60 -5.56
CA ASP A 409 -15.17 15.76 -4.71
C ASP A 409 -16.20 16.72 -5.35
N ARG A 410 -16.40 16.61 -6.66
CA ARG A 410 -17.34 17.49 -7.36
C ARG A 410 -17.51 16.96 -8.76
N SER A 411 -18.71 17.19 -9.30
CA SER A 411 -19.06 16.87 -10.70
CA SER A 411 -18.97 16.90 -10.72
C SER A 411 -18.53 15.48 -11.13
N ASP A 412 -17.79 15.40 -12.24
CA ASP A 412 -17.25 14.11 -12.69
C ASP A 412 -15.77 13.99 -12.37
N ASN A 413 -15.32 14.72 -11.33
CA ASN A 413 -13.87 14.74 -11.02
C ASN A 413 -13.53 13.60 -10.03
N TYR A 414 -13.30 12.42 -10.60
CA TYR A 414 -13.04 11.18 -9.84
C TYR A 414 -11.53 11.04 -9.71
N TRP A 415 -11.09 10.73 -8.48
CA TRP A 415 -9.67 10.73 -8.14
C TRP A 415 -9.11 9.32 -8.36
N SER A 416 -9.22 8.82 -9.59
CA SER A 416 -8.63 7.54 -9.92
C SER A 416 -7.25 7.67 -10.60
N GLY A 417 -6.79 8.90 -10.91
CA GLY A 417 -5.46 9.07 -11.50
C GLY A 417 -4.34 8.65 -10.55
N TYR A 418 -4.49 8.96 -9.26
CA TYR A 418 -3.43 8.67 -8.31
C TYR A 418 -3.26 7.17 -7.99
N TYR A 419 -4.17 6.33 -8.51
CA TYR A 419 -3.95 4.89 -8.44
C TYR A 419 -2.73 4.48 -9.29
N THR A 420 -2.29 5.35 -10.20
CA THR A 420 -1.18 5.05 -11.15
C THR A 420 -0.01 6.05 -11.07
N SER A 421 -0.29 7.31 -10.69
CA SER A 421 0.74 8.35 -10.76
C SER A 421 2.06 7.96 -10.13
N ARG A 422 3.17 8.25 -10.84
CA ARG A 422 4.53 7.97 -10.33
C ARG A 422 4.69 6.47 -10.03
N PRO A 423 4.47 5.65 -11.05
CA PRO A 423 4.45 4.19 -10.83
C PRO A 423 5.82 3.61 -10.50
N TYR A 424 6.90 4.32 -10.82
CA TYR A 424 8.22 3.85 -10.43
C TYR A 424 8.27 3.73 -8.89
N HIS A 425 7.74 4.72 -8.19
CA HIS A 425 7.81 4.71 -6.73
C HIS A 425 6.78 3.82 -6.06
N LYS A 426 5.67 3.61 -6.75
CA LYS A 426 4.66 2.63 -6.32
C LYS A 426 5.29 1.24 -6.33
N ARG A 427 6.05 0.93 -7.40
CA ARG A 427 6.77 -0.37 -7.45
C ARG A 427 7.85 -0.43 -6.37
N MET A 428 8.61 0.66 -6.23
CA MET A 428 9.64 0.74 -5.20
C MET A 428 9.08 0.45 -3.78
N ASP A 429 7.85 0.92 -3.52
CA ASP A 429 7.19 0.70 -2.23
C ASP A 429 7.10 -0.80 -1.91
N ARG A 430 6.72 -1.59 -2.92
CA ARG A 430 6.53 -3.00 -2.67
C ARG A 430 7.86 -3.72 -2.52
N VAL A 431 8.88 -3.25 -3.25
CA VAL A 431 10.24 -3.82 -3.06
C VAL A 431 10.77 -3.56 -1.62
N LEU A 432 10.69 -2.31 -1.19
CA LEU A 432 11.13 -1.98 0.17
C LEU A 432 10.24 -2.67 1.23
N MET A 433 8.93 -2.81 0.97
CA MET A 433 8.06 -3.55 1.89
C MET A 433 8.65 -4.91 2.21
N HIS A 434 9.04 -5.62 1.18
CA HIS A 434 9.58 -6.96 1.34
C HIS A 434 10.97 -6.94 1.98
N TYR A 435 11.81 -5.99 1.59
CA TYR A 435 13.17 -5.86 2.16
CA TYR A 435 13.14 -5.98 2.18
C TYR A 435 13.12 -5.60 3.67
N VAL A 436 12.18 -4.74 4.07
CA VAL A 436 12.02 -4.44 5.53
C VAL A 436 11.62 -5.74 6.25
N ARG A 437 10.59 -6.43 5.69
CA ARG A 437 10.17 -7.69 6.35
C ARG A 437 11.36 -8.68 6.46
N ALA A 438 12.08 -8.85 5.35
CA ALA A 438 13.19 -9.83 5.34
C ALA A 438 14.33 -9.44 6.31
N ALA A 439 14.64 -8.15 6.36
CA ALA A 439 15.68 -7.68 7.26
C ALA A 439 15.30 -7.84 8.71
N GLU A 440 14.09 -7.45 9.05
CA GLU A 440 13.64 -7.65 10.43
C GLU A 440 13.61 -9.14 10.81
N MET A 441 13.16 -9.98 9.87
CA MET A 441 13.04 -11.41 10.18
C MET A 441 14.44 -12.06 10.30
N LEU A 442 15.33 -11.83 9.32
CA LEU A 442 16.68 -12.45 9.36
C LEU A 442 17.46 -12.03 10.59
N SER A 443 17.31 -10.78 11.00
CA SER A 443 18.10 -10.30 12.14
C SER A 443 17.43 -10.64 13.48
N ALA A 444 16.15 -11.03 13.48
CA ALA A 444 15.43 -11.34 14.72
C ALA A 444 15.94 -12.60 15.41
N TRP A 445 16.54 -13.52 14.65
CA TRP A 445 16.94 -14.82 15.20
C TRP A 445 18.01 -14.71 16.29
N HIS A 446 18.80 -13.65 16.24
CA HIS A 446 19.86 -13.38 17.20
C HIS A 446 19.66 -12.06 17.91
N SER A 447 20.29 -11.98 19.07
N SER A 447 20.25 -11.97 19.10
CA SER A 447 20.55 -10.72 19.74
CA SER A 447 20.53 -10.68 19.73
C SER A 447 21.87 -10.12 19.20
C SER A 447 21.85 -10.12 19.17
N TRP A 448 21.87 -8.81 18.93
CA TRP A 448 23.03 -8.16 18.34
C TRP A 448 23.65 -7.15 19.27
N ASP A 449 24.98 -7.18 19.35
CA ASP A 449 25.72 -6.14 20.00
C ASP A 449 25.37 -4.78 19.38
N GLY A 450 25.28 -3.74 20.21
CA GLY A 450 25.03 -2.38 19.73
C GLY A 450 25.98 -1.90 18.65
N MET A 451 27.21 -2.40 18.66
CA MET A 451 28.18 -1.97 17.66
C MET A 451 27.81 -2.42 16.25
N ALA A 452 26.90 -3.38 16.15
CA ALA A 452 26.48 -3.92 14.84
C ALA A 452 25.53 -2.97 14.14
N ARG A 453 24.94 -2.04 14.91
CA ARG A 453 24.09 -0.98 14.38
C ARG A 453 22.85 -1.59 13.71
N ILE A 454 22.41 -2.74 14.18
CA ILE A 454 21.27 -3.42 13.54
C ILE A 454 19.99 -2.63 13.84
N GLU A 455 19.76 -2.32 15.11
CA GLU A 455 18.56 -1.55 15.47
C GLU A 455 18.51 -0.19 14.77
N GLU A 456 19.66 0.45 14.65
CA GLU A 456 19.77 1.75 14.02
C GLU A 456 19.31 1.68 12.54
N ARG A 457 19.86 0.72 11.81
CA ARG A 457 19.52 0.56 10.38
C ARG A 457 18.07 0.15 10.17
N LEU A 458 17.55 -0.73 11.03
CA LEU A 458 16.15 -1.18 10.87
C LEU A 458 15.22 -0.02 11.19
N GLU A 459 15.55 0.80 12.21
CA GLU A 459 14.69 1.96 12.52
C GLU A 459 14.65 2.94 11.34
N GLN A 460 15.79 3.22 10.75
CA GLN A 460 15.85 4.06 9.57
C GLN A 460 14.99 3.48 8.44
N ALA A 461 15.17 2.20 8.15
CA ALA A 461 14.40 1.57 7.06
C ALA A 461 12.87 1.65 7.33
N ARG A 462 12.44 1.30 8.55
CA ARG A 462 11.02 1.34 8.88
C ARG A 462 10.52 2.77 8.75
N ARG A 463 11.33 3.74 9.18
CA ARG A 463 10.81 5.13 9.17
C ARG A 463 10.68 5.68 7.75
N GLU A 464 11.60 5.33 6.85
CA GLU A 464 11.52 5.89 5.51
C GLU A 464 10.39 5.23 4.75
N LEU A 465 10.19 3.92 4.94
CA LEU A 465 9.06 3.22 4.29
C LEU A 465 7.72 3.78 4.85
N SER A 466 7.70 4.00 6.17
CA SER A 466 6.51 4.54 6.82
C SER A 466 6.17 5.95 6.30
N LEU A 467 7.19 6.81 6.16
CA LEU A 467 6.98 8.16 5.63
C LEU A 467 6.30 8.09 4.26
N PHE A 468 6.74 7.15 3.42
CA PHE A 468 6.22 7.08 2.05
C PHE A 468 4.75 6.65 1.97
N GLN A 469 4.23 6.09 3.06
CA GLN A 469 2.79 5.75 3.11
C GLN A 469 1.90 6.98 3.16
N HIS A 470 2.50 8.13 3.40
CA HIS A 470 1.76 9.40 3.40
C HIS A 470 0.84 9.51 2.17
N HIS A 471 -0.29 10.21 2.32
CA HIS A 471 -1.25 10.39 1.23
C HIS A 471 -0.77 11.35 0.08
N ASP A 472 0.49 11.87 0.16
CA ASP A 472 1.13 12.45 -1.03
C ASP A 472 2.44 11.75 -1.39
N GLY A 473 2.73 10.60 -0.76
CA GLY A 473 3.93 9.82 -1.03
C GLY A 473 3.62 8.79 -2.11
N ILE A 474 3.22 7.61 -1.64
CA ILE A 474 2.87 6.52 -2.56
C ILE A 474 1.84 6.88 -3.63
N THR A 475 0.99 7.87 -3.34
CA THR A 475 -0.09 8.31 -4.25
C THR A 475 0.49 9.01 -5.51
N GLY A 476 1.74 9.47 -5.45
CA GLY A 476 2.32 10.13 -6.63
C GLY A 476 1.78 11.52 -6.84
N THR A 477 1.41 12.20 -5.75
CA THR A 477 0.79 13.52 -5.87
C THR A 477 1.68 14.64 -5.32
N ALA A 478 2.98 14.40 -5.22
CA ALA A 478 3.89 15.42 -4.68
C ALA A 478 4.69 16.13 -5.77
N LYS A 479 5.27 17.29 -5.45
CA LYS A 479 6.07 18.00 -6.46
C LYS A 479 7.30 17.16 -6.83
N THR A 480 7.83 17.39 -8.03
CA THR A 480 9.01 16.64 -8.49
C THR A 480 10.15 16.51 -7.46
N HIS A 481 10.59 17.62 -6.85
CA HIS A 481 11.70 17.53 -5.91
C HIS A 481 11.35 16.77 -4.61
N VAL A 482 10.04 16.67 -4.32
CA VAL A 482 9.58 15.96 -3.15
C VAL A 482 9.60 14.45 -3.48
N VAL A 483 9.13 14.09 -4.67
CA VAL A 483 9.27 12.70 -5.11
C VAL A 483 10.73 12.23 -5.08
N VAL A 484 11.66 13.12 -5.47
CA VAL A 484 13.09 12.80 -5.45
C VAL A 484 13.57 12.56 -4.02
N ASP A 485 13.12 13.41 -3.11
CA ASP A 485 13.38 13.19 -1.70
C ASP A 485 12.91 11.82 -1.16
N TYR A 486 11.67 11.47 -1.48
CA TYR A 486 11.14 10.16 -1.04
C TYR A 486 11.95 9.03 -1.64
N GLU A 487 12.30 9.14 -2.93
CA GLU A 487 13.11 8.12 -3.60
C GLU A 487 14.48 7.97 -2.91
N GLN A 488 15.14 9.09 -2.64
CA GLN A 488 16.42 9.04 -1.96
C GLN A 488 16.32 8.38 -0.60
N ARG A 489 15.28 8.75 0.15
CA ARG A 489 15.08 8.15 1.45
C ARG A 489 14.87 6.64 1.31
N MET A 490 14.07 6.22 0.32
CA MET A 490 13.82 4.78 0.14
C MET A 490 15.09 4.02 -0.30
N GLN A 491 15.94 4.68 -1.12
CA GLN A 491 17.20 4.06 -1.52
CA GLN A 491 17.22 4.11 -1.54
C GLN A 491 18.11 3.83 -0.31
N GLU A 492 18.17 4.81 0.59
CA GLU A 492 18.92 4.65 1.81
C GLU A 492 18.34 3.50 2.65
N ALA A 493 17.02 3.41 2.67
CA ALA A 493 16.34 2.33 3.42
C ALA A 493 16.70 0.97 2.81
N LEU A 494 16.74 0.87 1.46
CA LEU A 494 17.11 -0.39 0.83
C LEU A 494 18.54 -0.81 1.19
N LYS A 495 19.44 0.17 1.21
CA LYS A 495 20.85 -0.12 1.57
C LYS A 495 20.95 -0.56 3.04
N ALA A 496 20.16 0.05 3.89
CA ALA A 496 20.09 -0.37 5.28
C ALA A 496 19.62 -1.83 5.43
N CYS A 497 18.56 -2.19 4.71
CA CYS A 497 18.01 -3.57 4.72
C CYS A 497 19.09 -4.52 4.23
N GLN A 498 19.73 -4.18 3.13
CA GLN A 498 20.77 -5.06 2.62
C GLN A 498 21.87 -5.32 3.63
N MET A 499 22.34 -4.25 4.26
CA MET A 499 23.41 -4.44 5.23
C MET A 499 22.97 -5.41 6.35
N VAL A 500 21.75 -5.20 6.87
CA VAL A 500 21.26 -6.03 7.97
C VAL A 500 21.08 -7.48 7.49
N MET A 501 20.47 -7.64 6.33
CA MET A 501 20.25 -8.96 5.77
C MET A 501 21.56 -9.71 5.60
N GLN A 502 22.57 -9.08 5.00
CA GLN A 502 23.80 -9.83 4.65
C GLN A 502 24.60 -10.15 5.92
N GLN A 503 24.62 -9.23 6.90
CA GLN A 503 25.26 -9.56 8.19
C GLN A 503 24.54 -10.76 8.82
N SER A 504 23.18 -10.79 8.73
CA SER A 504 22.39 -11.88 9.37
C SER A 504 22.67 -13.23 8.71
N VAL A 505 22.76 -13.25 7.38
CA VAL A 505 23.08 -14.49 6.65
C VAL A 505 24.47 -15.01 7.04
N TYR A 506 25.45 -14.11 7.12
CA TYR A 506 26.81 -14.56 7.47
C TYR A 506 26.77 -15.23 8.86
N ARG A 507 26.04 -14.64 9.80
CA ARG A 507 25.96 -15.21 11.16
C ARG A 507 25.17 -16.53 11.18
N LEU A 508 24.09 -16.62 10.42
CA LEU A 508 23.24 -17.79 10.46
C LEU A 508 23.84 -19.02 9.77
N LEU A 509 24.77 -18.78 8.84
CA LEU A 509 25.31 -19.89 8.05
C LEU A 509 26.82 -20.11 8.23
N THR A 510 27.42 -19.56 9.29
CA THR A 510 28.85 -19.77 9.54
C THR A 510 29.00 -20.49 10.88
N LYS A 511 29.83 -21.52 10.91
CA LYS A 511 30.12 -22.25 12.17
C LYS A 511 30.45 -21.23 13.24
N PRO A 512 29.74 -21.26 14.37
CA PRO A 512 29.90 -20.23 15.41
C PRO A 512 31.33 -19.98 15.90
N SER A 513 32.13 -21.04 16.07
CA SER A 513 33.52 -20.81 16.51
C SER A 513 34.45 -20.19 15.45
N ILE A 514 33.95 -20.04 14.23
CA ILE A 514 34.72 -19.49 13.11
C ILE A 514 34.20 -18.08 12.77
N TYR A 515 32.92 -17.85 13.02
CA TYR A 515 32.27 -16.56 12.76
C TYR A 515 33.06 -15.39 13.34
N SER A 516 33.45 -14.46 12.47
CA SER A 516 34.31 -13.37 12.91
C SER A 516 33.88 -12.04 12.25
N PRO A 517 32.79 -11.45 12.74
CA PRO A 517 32.18 -10.35 12.02
C PRO A 517 32.93 -9.03 12.16
N ASP A 518 33.00 -8.33 11.05
CA ASP A 518 33.30 -6.91 10.98
C ASP A 518 31.96 -6.30 10.55
N PHE A 519 31.36 -5.53 11.46
CA PHE A 519 30.00 -5.06 11.22
C PHE A 519 29.84 -4.01 10.11
N SER A 520 30.95 -3.52 9.56
CA SER A 520 30.93 -2.59 8.42
C SER A 520 31.16 -3.30 7.08
N PHE A 521 31.48 -4.60 7.13
CA PHE A 521 31.97 -5.33 5.95
C PHE A 521 30.82 -5.95 5.17
N SER A 522 30.94 -6.04 3.84
CA SER A 522 29.92 -6.71 3.02
C SER A 522 30.33 -8.15 2.72
N TYR A 523 29.79 -9.08 3.49
CA TYR A 523 30.00 -10.52 3.24
C TYR A 523 29.24 -11.03 2.04
N PHE A 524 28.07 -10.44 1.77
CA PHE A 524 27.26 -10.81 0.62
C PHE A 524 26.71 -9.56 -0.01
N THR A 525 26.47 -9.63 -1.31
CA THR A 525 25.64 -8.60 -1.94
C THR A 525 24.33 -9.21 -2.39
N LEU A 526 23.25 -8.46 -2.25
CA LEU A 526 21.97 -8.90 -2.76
C LEU A 526 21.95 -8.86 -4.28
N ASP A 527 21.25 -9.82 -4.88
CA ASP A 527 21.04 -9.84 -6.32
C ASP A 527 19.55 -9.84 -6.52
N ASP A 528 19.03 -8.78 -7.13
CA ASP A 528 17.60 -8.71 -7.35
C ASP A 528 17.39 -8.62 -8.87
N SER A 529 16.67 -9.61 -9.41
CA SER A 529 16.39 -9.66 -10.86
C SER A 529 15.31 -8.70 -11.33
N ARG A 530 14.50 -8.19 -10.41
CA ARG A 530 13.34 -7.43 -10.84
C ARG A 530 13.28 -6.04 -10.26
N TRP A 531 14.33 -5.60 -9.57
CA TRP A 531 14.34 -4.18 -9.14
C TRP A 531 15.80 -3.68 -9.12
N PRO A 532 16.11 -2.54 -9.75
CA PRO A 532 15.18 -1.74 -10.58
C PRO A 532 14.72 -2.42 -11.85
N GLY A 533 15.41 -3.49 -12.25
CA GLY A 533 15.00 -4.28 -13.39
C GLY A 533 15.87 -4.05 -14.62
N SER A 534 15.91 -5.08 -15.47
CA SER A 534 16.69 -5.05 -16.69
C SER A 534 16.13 -3.92 -17.56
N GLY A 535 17.01 -3.05 -18.06
CA GLY A 535 16.57 -1.89 -18.84
C GLY A 535 16.26 -0.65 -18.00
N VAL A 536 16.26 -0.83 -16.68
CA VAL A 536 15.97 0.27 -15.78
C VAL A 536 17.29 0.77 -15.18
N GLU A 537 18.03 -0.14 -14.56
N GLU A 537 18.03 -0.13 -14.54
CA GLU A 537 19.36 0.17 -14.03
CA GLU A 537 19.36 0.18 -14.04
C GLU A 537 20.26 -1.03 -14.25
C GLU A 537 20.27 -1.02 -14.23
N ASP A 538 21.49 -0.79 -14.70
CA ASP A 538 22.50 -1.84 -14.66
C ASP A 538 23.07 -1.90 -13.25
N SER A 539 22.53 -2.77 -12.41
CA SER A 539 22.82 -2.71 -10.97
C SER A 539 23.28 -4.05 -10.42
N ARG A 540 23.09 -5.11 -11.20
CA ARG A 540 23.38 -6.48 -10.81
C ARG A 540 24.84 -6.79 -11.06
N THR A 541 25.43 -7.49 -10.12
CA THR A 541 26.82 -7.88 -10.24
C THR A 541 26.87 -9.19 -10.99
N THR A 542 27.86 -9.29 -11.84
CA THR A 542 28.17 -10.52 -12.52
C THR A 542 29.09 -11.34 -11.61
N ILE A 543 28.75 -12.60 -11.46
CA ILE A 543 29.65 -13.51 -10.75
C ILE A 543 30.79 -13.84 -11.70
N ILE A 544 32.01 -13.41 -11.34
CA ILE A 544 33.18 -13.58 -12.21
C ILE A 544 33.97 -14.85 -11.84
N LEU A 545 33.94 -15.79 -12.77
CA LEU A 545 34.62 -17.07 -12.62
C LEU A 545 35.61 -17.21 -13.77
N GLY A 546 36.66 -17.98 -13.55
CA GLY A 546 37.67 -18.16 -14.57
C GLY A 546 38.76 -19.04 -14.02
N GLU A 547 39.35 -19.85 -14.89
CA GLU A 547 40.43 -20.76 -14.53
C GLU A 547 41.61 -20.03 -13.89
N ASP A 548 41.84 -18.79 -14.34
CA ASP A 548 42.96 -18.02 -13.80
C ASP A 548 42.52 -16.98 -12.77
N ILE A 549 41.32 -17.10 -12.21
CA ILE A 549 40.92 -16.13 -11.16
C ILE A 549 40.14 -16.77 -9.98
N LEU A 550 39.13 -17.58 -10.30
CA LEU A 550 38.22 -18.11 -9.28
C LEU A 550 37.34 -19.22 -9.87
N PRO A 551 37.47 -20.45 -9.38
CA PRO A 551 36.68 -21.56 -9.94
C PRO A 551 35.20 -21.60 -9.55
N SER A 552 34.84 -21.05 -8.39
CA SER A 552 33.49 -21.25 -7.90
C SER A 552 33.04 -20.15 -6.96
N LYS A 553 31.72 -20.11 -6.73
CA LYS A 553 31.10 -19.06 -5.92
C LYS A 553 29.90 -19.64 -5.15
N HIS A 554 29.86 -19.37 -3.85
CA HIS A 554 28.68 -19.62 -3.04
C HIS A 554 27.60 -18.56 -3.19
N VAL A 555 26.35 -19.01 -3.28
CA VAL A 555 25.16 -18.13 -3.27
C VAL A 555 24.19 -18.70 -2.25
N VAL A 556 23.37 -17.83 -1.65
CA VAL A 556 22.45 -18.25 -0.61
C VAL A 556 21.08 -17.64 -0.93
N MET A 557 20.04 -18.45 -0.79
CA MET A 557 18.64 -17.98 -0.89
C MET A 557 17.98 -17.93 0.44
N HIS A 558 17.18 -16.88 0.66
CA HIS A 558 16.33 -16.75 1.87
C HIS A 558 14.85 -16.85 1.45
N ASN A 559 14.09 -17.54 2.28
CA ASN A 559 12.66 -17.67 2.10
C ASN A 559 11.90 -17.12 3.31
N THR A 560 11.31 -15.92 3.19
CA THR A 560 10.65 -15.34 4.36
C THR A 560 9.29 -15.97 4.74
N LEU A 561 8.73 -16.79 3.83
CA LEU A 561 7.43 -17.42 4.07
C LEU A 561 7.58 -18.67 4.93
N PRO A 562 6.59 -18.93 5.79
CA PRO A 562 6.66 -20.06 6.73
C PRO A 562 6.27 -21.41 6.15
N HIS A 563 6.70 -21.69 4.89
CA HIS A 563 6.52 -23.04 4.34
C HIS A 563 7.70 -23.32 3.42
N TRP A 564 8.02 -24.60 3.24
CA TRP A 564 9.04 -24.96 2.25
C TRP A 564 8.66 -24.38 0.90
N ARG A 565 9.65 -23.84 0.20
CA ARG A 565 9.34 -23.22 -1.08
C ARG A 565 10.42 -23.53 -2.11
N GLU A 566 9.97 -23.91 -3.29
CA GLU A 566 10.85 -23.94 -4.45
C GLU A 566 10.52 -22.75 -5.38
N GLN A 567 11.56 -22.18 -5.99
CA GLN A 567 11.38 -21.09 -6.97
C GLN A 567 12.61 -21.07 -7.86
N LEU A 568 12.42 -20.85 -9.15
CA LEU A 568 13.59 -20.65 -10.02
C LEU A 568 14.29 -19.34 -9.62
N VAL A 569 15.60 -19.37 -9.60
CA VAL A 569 16.42 -18.18 -9.33
C VAL A 569 17.46 -18.02 -10.44
N ASP A 570 17.86 -16.79 -10.71
N ASP A 570 17.82 -16.78 -10.73
CA ASP A 570 18.85 -16.59 -11.74
CA ASP A 570 18.86 -16.57 -11.73
C ASP A 570 19.98 -15.69 -11.27
C ASP A 570 20.00 -15.71 -11.20
N PHE A 571 21.17 -15.92 -11.78
CA PHE A 571 22.35 -15.07 -11.48
C PHE A 571 23.04 -14.75 -12.80
N TYR A 572 23.71 -13.59 -12.89
CA TYR A 572 24.63 -13.35 -14.00
C TYR A 572 26.00 -13.95 -13.70
N VAL A 573 26.56 -14.60 -14.72
CA VAL A 573 27.86 -15.25 -14.64
C VAL A 573 28.73 -14.92 -15.87
N SER A 574 30.05 -14.99 -15.69
CA SER A 574 30.97 -14.57 -16.77
C SER A 574 31.32 -15.69 -17.75
N SER A 575 30.72 -16.86 -17.61
CA SER A 575 30.94 -17.97 -18.54
C SER A 575 29.62 -18.73 -18.72
N PRO A 576 29.36 -19.28 -19.91
CA PRO A 576 28.20 -20.14 -20.06
C PRO A 576 28.41 -21.53 -19.44
N PHE A 577 29.67 -21.90 -19.14
CA PHE A 577 29.96 -23.26 -18.74
C PHE A 577 30.04 -23.35 -17.20
N VAL A 578 28.86 -23.39 -16.59
CA VAL A 578 28.70 -23.27 -15.14
C VAL A 578 27.72 -24.34 -14.70
N SER A 579 28.08 -25.03 -13.61
CA SER A 579 27.23 -26.07 -13.06
C SER A 579 26.86 -25.72 -11.61
N VAL A 580 25.71 -26.17 -11.18
CA VAL A 580 25.23 -25.84 -9.84
C VAL A 580 25.23 -27.12 -8.97
N THR A 581 25.61 -26.95 -7.71
CA THR A 581 25.53 -28.02 -6.71
C THR A 581 24.94 -27.45 -5.44
N ASP A 582 24.32 -28.32 -4.64
CA ASP A 582 23.99 -27.93 -3.26
C ASP A 582 25.23 -28.14 -2.34
N LEU A 583 25.14 -27.87 -1.02
CA LEU A 583 26.38 -28.00 -0.24
C LEU A 583 26.72 -29.45 0.12
N ALA A 584 25.84 -30.39 -0.25
CA ALA A 584 26.20 -31.83 -0.18
C ALA A 584 26.81 -32.28 -1.51
N ASN A 585 27.06 -31.31 -2.38
CA ASN A 585 27.63 -31.57 -3.71
C ASN A 585 26.73 -32.35 -4.63
N ASN A 586 25.44 -32.35 -4.33
CA ASN A 586 24.48 -32.96 -5.25
C ASN A 586 24.30 -32.04 -6.44
N PRO A 587 24.42 -32.56 -7.67
CA PRO A 587 24.13 -31.70 -8.82
C PRO A 587 22.70 -31.20 -8.83
N VAL A 588 22.53 -29.96 -9.30
CA VAL A 588 21.23 -29.34 -9.47
C VAL A 588 21.07 -28.98 -10.96
N GLU A 589 19.96 -29.40 -11.54
CA GLU A 589 19.71 -29.11 -12.94
C GLU A 589 19.66 -27.58 -13.14
N ALA A 590 20.29 -27.13 -14.21
CA ALA A 590 20.33 -25.69 -14.48
C ALA A 590 20.16 -25.42 -15.95
N GLN A 591 19.82 -24.16 -16.26
CA GLN A 591 19.68 -23.68 -17.62
C GLN A 591 20.47 -22.39 -17.76
N VAL A 592 21.19 -22.28 -18.87
CA VAL A 592 21.88 -21.03 -19.19
C VAL A 592 21.20 -20.37 -20.39
N SER A 593 20.98 -19.06 -20.29
CA SER A 593 20.34 -18.26 -21.31
C SER A 593 21.23 -17.04 -21.53
N PRO A 594 21.10 -16.37 -22.66
CA PRO A 594 21.86 -15.12 -22.84
C PRO A 594 21.36 -13.97 -21.96
N VAL A 595 22.16 -12.90 -21.85
CA VAL A 595 21.69 -11.68 -21.23
C VAL A 595 21.27 -10.77 -22.40
N TRP A 596 19.96 -10.49 -22.49
CA TRP A 596 19.41 -9.68 -23.56
C TRP A 596 19.03 -8.29 -23.06
N SER A 597 19.50 -7.25 -23.74
CA SER A 597 19.02 -5.90 -23.41
C SER A 597 18.40 -5.26 -24.62
N TRP A 598 17.38 -4.45 -24.39
CA TRP A 598 16.64 -3.84 -25.49
C TRP A 598 17.06 -2.41 -25.69
N HIS A 599 17.12 -2.00 -26.95
CA HIS A 599 17.62 -0.68 -27.26
C HIS A 599 16.70 0.00 -28.22
N HIS A 600 16.37 1.26 -27.91
CA HIS A 600 15.71 2.07 -28.91
C HIS A 600 16.82 2.61 -29.78
N ASP A 601 16.92 2.01 -30.96
CA ASP A 601 17.95 2.32 -31.93
C ASP A 601 17.52 3.61 -32.68
N THR A 602 18.12 4.75 -32.33
CA THR A 602 17.71 6.02 -32.96
C THR A 602 18.26 6.17 -34.37
N LEU A 603 19.12 5.24 -34.79
CA LEU A 603 19.58 5.16 -36.18
C LEU A 603 18.58 4.45 -37.11
N THR A 604 18.27 3.19 -36.82
CA THR A 604 17.31 2.41 -37.62
C THR A 604 15.85 2.70 -37.22
N LYS A 605 15.62 3.38 -36.10
CA LYS A 605 14.26 3.68 -35.63
C LYS A 605 13.46 2.40 -35.33
N THR A 606 14.14 1.43 -34.74
CA THR A 606 13.50 0.19 -34.28
C THR A 606 13.88 -0.03 -32.83
N ILE A 607 13.11 -0.86 -32.13
CA ILE A 607 13.42 -1.30 -30.79
C ILE A 607 13.80 -2.79 -30.86
N HIS A 608 15.03 -3.13 -30.50
CA HIS A 608 15.50 -4.49 -30.73
C HIS A 608 16.51 -4.92 -29.68
N PRO A 609 16.67 -6.22 -29.51
CA PRO A 609 17.57 -6.69 -28.45
C PRO A 609 19.00 -6.96 -28.90
N GLN A 610 19.93 -6.72 -27.98
CA GLN A 610 21.33 -7.08 -28.18
C GLN A 610 21.72 -8.07 -27.11
N GLY A 611 22.52 -9.05 -27.48
CA GLY A 611 22.97 -10.05 -26.51
C GLY A 611 24.39 -9.75 -26.03
N SER A 612 24.66 -10.06 -24.76
CA SER A 612 26.03 -9.94 -24.24
C SER A 612 26.90 -11.06 -24.79
N THR A 613 28.19 -10.77 -25.04
CA THR A 613 29.13 -11.81 -25.43
C THR A 613 30.07 -12.21 -24.28
N THR A 614 29.84 -11.66 -23.10
CA THR A 614 30.66 -11.98 -21.91
C THR A 614 29.90 -12.24 -20.59
N LYS A 615 28.59 -11.98 -20.55
CA LYS A 615 27.78 -12.24 -19.34
C LYS A 615 26.65 -13.15 -19.81
N TYR A 616 26.26 -14.08 -18.94
CA TYR A 616 25.18 -15.04 -19.24
C TYR A 616 24.29 -15.22 -18.03
N ARG A 617 23.06 -15.69 -18.23
CA ARG A 617 22.19 -15.99 -17.07
C ARG A 617 22.19 -17.46 -16.75
N ILE A 618 22.46 -17.81 -15.49
CA ILE A 618 22.25 -19.20 -15.06
C ILE A 618 21.00 -19.28 -14.15
N ILE A 619 20.19 -20.29 -14.38
CA ILE A 619 18.86 -20.40 -13.78
C ILE A 619 18.74 -21.80 -13.20
N PHE A 620 18.27 -21.89 -11.97
CA PHE A 620 18.06 -23.19 -11.38
C PHE A 620 17.02 -23.12 -10.28
N LYS A 621 16.51 -24.28 -9.91
CA LYS A 621 15.46 -24.31 -8.91
C LYS A 621 16.06 -24.34 -7.50
N ALA A 622 15.80 -23.29 -6.72
CA ALA A 622 16.21 -23.32 -5.32
C ALA A 622 15.11 -23.87 -4.42
N ARG A 623 15.50 -24.68 -3.43
CA ARG A 623 14.53 -25.23 -2.47
C ARG A 623 14.95 -24.78 -1.08
N VAL A 624 14.06 -24.04 -0.41
CA VAL A 624 14.45 -23.32 0.80
C VAL A 624 13.48 -23.62 1.96
N PRO A 625 14.01 -23.83 3.18
CA PRO A 625 13.14 -24.14 4.34
C PRO A 625 12.21 -22.99 4.67
N PRO A 626 11.20 -23.27 5.48
CA PRO A 626 10.30 -22.21 5.96
C PRO A 626 11.12 -21.19 6.75
N MET A 627 10.95 -19.89 6.49
CA MET A 627 11.69 -18.85 7.19
C MET A 627 13.20 -19.18 7.29
N GLY A 628 13.76 -19.68 6.18
CA GLY A 628 15.06 -20.30 6.21
C GLY A 628 16.01 -19.88 5.09
N LEU A 629 17.13 -20.58 5.03
CA LEU A 629 18.22 -20.26 4.08
C LEU A 629 18.74 -21.55 3.46
N ALA A 630 19.13 -21.47 2.21
CA ALA A 630 19.74 -22.62 1.50
C ALA A 630 20.94 -22.13 0.68
N THR A 631 22.06 -22.85 0.79
CA THR A 631 23.32 -22.51 0.09
C THR A 631 23.55 -23.38 -1.15
N TYR A 632 23.95 -22.73 -2.24
CA TYR A 632 24.37 -23.43 -3.48
C TYR A 632 25.74 -22.95 -3.96
N VAL A 633 26.35 -23.75 -4.85
CA VAL A 633 27.68 -23.43 -5.34
C VAL A 633 27.62 -23.42 -6.88
N LEU A 634 28.15 -22.37 -7.47
CA LEU A 634 28.27 -22.29 -8.96
C LEU A 634 29.73 -22.49 -9.33
N THR A 635 30.00 -23.44 -10.25
CA THR A 635 31.37 -23.83 -10.56
C THR A 635 31.58 -23.78 -12.08
N ILE A 636 32.70 -23.19 -12.50
CA ILE A 636 33.01 -23.11 -13.94
C ILE A 636 33.66 -24.41 -14.40
N SER A 637 33.47 -24.74 -15.69
CA SER A 637 34.27 -25.82 -16.31
C SER A 637 34.70 -25.39 -17.71
N ASP A 638 35.55 -26.18 -18.37
N ASP A 638 35.56 -26.17 -18.36
CA ASP A 638 36.06 -25.76 -19.69
CA ASP A 638 36.06 -25.80 -19.70
C ASP A 638 35.11 -26.07 -20.86
C ASP A 638 34.98 -25.89 -20.79
N SER A 639 34.01 -26.79 -20.57
CA SER A 639 33.02 -27.13 -21.59
C SER A 639 31.65 -27.41 -20.96
N LYS A 640 30.66 -27.69 -21.80
CA LYS A 640 29.26 -27.89 -21.34
C LYS A 640 29.18 -28.91 -20.20
N PRO A 641 28.68 -28.49 -19.03
CA PRO A 641 28.49 -29.44 -17.91
C PRO A 641 27.35 -30.41 -18.14
N GLU A 642 27.43 -31.56 -17.48
CA GLU A 642 26.41 -32.58 -17.63
C GLU A 642 25.00 -32.15 -17.25
N HIS A 643 24.89 -31.31 -16.22
CA HIS A 643 23.57 -30.97 -15.67
C HIS A 643 23.08 -29.55 -16.00
N THR A 644 23.70 -28.94 -17.00
CA THR A 644 23.29 -27.61 -17.44
C THR A 644 22.91 -27.69 -18.91
N SER A 645 21.72 -27.15 -19.26
CA SER A 645 21.22 -27.09 -20.65
C SER A 645 21.26 -25.63 -21.11
N TYR A 646 21.12 -25.42 -22.42
CA TYR A 646 21.21 -24.07 -23.04
C TYR A 646 19.92 -23.78 -23.79
N ALA A 647 19.36 -22.58 -23.59
CA ALA A 647 18.15 -22.17 -24.28
C ALA A 647 18.43 -21.91 -25.74
N SER A 648 17.44 -22.19 -26.58
CA SER A 648 17.53 -21.74 -27.96
CA SER A 648 17.48 -21.77 -27.98
C SER A 648 16.96 -20.33 -28.01
N ASN A 649 17.34 -19.57 -29.01
CA ASN A 649 16.86 -18.19 -29.17
C ASN A 649 16.48 -17.94 -30.59
N LEU A 650 15.30 -17.33 -30.77
CA LEU A 650 14.75 -17.05 -32.10
C LEU A 650 14.33 -15.59 -32.16
N LEU A 651 14.93 -14.85 -33.08
CA LEU A 651 14.60 -13.44 -33.29
C LEU A 651 13.70 -13.33 -34.53
N LEU A 652 12.47 -12.85 -34.33
CA LEU A 652 11.47 -12.74 -35.39
C LEU A 652 11.36 -11.27 -35.80
N ARG A 653 11.81 -10.98 -37.02
CA ARG A 653 11.71 -9.64 -37.58
C ARG A 653 12.11 -9.73 -39.04
N LYS A 654 11.61 -8.75 -39.80
CA LYS A 654 12.08 -8.55 -41.15
C LYS A 654 13.44 -7.83 -41.04
N ASN A 655 14.36 -8.12 -41.92
CA ASN A 655 15.62 -7.38 -41.97
C ASN A 655 16.48 -7.62 -40.75
N PRO A 656 16.72 -8.89 -40.45
CA PRO A 656 17.57 -9.22 -39.29
C PRO A 656 19.04 -9.01 -39.63
N THR A 657 19.81 -8.73 -38.57
CA THR A 657 21.27 -8.77 -38.64
C THR A 657 21.74 -9.74 -37.55
N SER A 658 22.98 -10.19 -37.67
CA SER A 658 23.54 -11.19 -36.77
C SER A 658 23.52 -10.75 -35.28
N LEU A 659 23.54 -11.76 -34.40
CA LEU A 659 23.54 -11.56 -32.93
C LEU A 659 24.52 -12.55 -32.32
N PRO A 660 25.80 -12.20 -32.34
CA PRO A 660 26.82 -13.11 -31.79
C PRO A 660 26.69 -13.14 -30.26
N LEU A 661 27.04 -14.27 -29.65
CA LEU A 661 26.87 -14.44 -28.20
C LEU A 661 28.13 -14.98 -27.48
N GLY A 662 29.31 -14.69 -28.02
CA GLY A 662 30.55 -15.20 -27.42
C GLY A 662 30.58 -16.69 -27.31
N GLN A 663 30.83 -17.22 -26.11
CA GLN A 663 31.01 -18.66 -25.94
C GLN A 663 29.71 -19.43 -25.89
N TYR A 664 28.59 -18.72 -25.84
CA TYR A 664 27.28 -19.37 -25.76
C TYR A 664 27.11 -20.44 -26.86
N PRO A 665 26.85 -21.69 -26.50
CA PRO A 665 26.96 -22.80 -27.47
C PRO A 665 25.87 -22.98 -28.54
N GLU A 666 24.76 -22.23 -28.45
N GLU A 666 24.78 -22.20 -28.44
CA GLU A 666 23.73 -22.35 -29.50
CA GLU A 666 23.71 -22.26 -29.43
C GLU A 666 23.55 -21.02 -30.23
C GLU A 666 23.69 -20.97 -30.23
N ASP A 667 23.70 -21.08 -31.56
CA ASP A 667 23.57 -19.90 -32.40
C ASP A 667 22.11 -19.38 -32.42
N VAL A 668 21.93 -18.08 -32.40
CA VAL A 668 20.60 -17.47 -32.51
C VAL A 668 20.04 -17.80 -33.88
N LYS A 669 18.75 -18.13 -33.94
N LYS A 669 18.74 -18.09 -33.94
CA LYS A 669 18.02 -18.36 -35.19
CA LYS A 669 18.02 -18.33 -35.19
C LYS A 669 17.16 -17.13 -35.53
C LYS A 669 17.13 -17.14 -35.54
N PHE A 670 16.87 -16.95 -36.82
CA PHE A 670 16.09 -15.80 -37.31
C PHE A 670 14.89 -16.24 -38.14
N GLY A 671 13.84 -15.41 -38.22
CA GLY A 671 12.70 -15.71 -39.08
C GLY A 671 11.79 -14.51 -39.28
N ASP A 672 10.89 -14.57 -40.25
CA ASP A 672 9.90 -13.48 -40.35
C ASP A 672 8.93 -13.64 -39.17
N PRO A 673 8.30 -12.53 -38.74
CA PRO A 673 7.25 -12.61 -37.72
C PRO A 673 6.22 -13.70 -38.07
N ARG A 674 5.81 -14.43 -37.04
CA ARG A 674 4.83 -15.51 -37.18
C ARG A 674 4.24 -15.87 -35.84
N GLU A 675 3.09 -16.50 -35.85
CA GLU A 675 2.51 -16.99 -34.61
C GLU A 675 3.35 -18.10 -34.03
N ILE A 676 3.42 -18.14 -32.72
CA ILE A 676 4.16 -19.22 -32.10
C ILE A 676 3.44 -19.73 -30.87
N SER A 677 3.79 -20.95 -30.48
CA SER A 677 3.27 -21.58 -29.29
C SER A 677 4.41 -22.15 -28.44
N LEU A 678 4.28 -22.07 -27.12
CA LEU A 678 5.28 -22.62 -26.21
C LEU A 678 4.65 -23.38 -25.07
N ARG A 679 5.38 -24.36 -24.55
CA ARG A 679 4.98 -25.09 -23.36
C ARG A 679 6.23 -25.42 -22.56
N VAL A 680 6.24 -25.05 -21.28
CA VAL A 680 7.28 -25.45 -20.38
C VAL A 680 6.74 -26.49 -19.41
N GLY A 681 7.49 -27.58 -19.27
CA GLY A 681 7.13 -28.66 -18.37
C GLY A 681 5.77 -29.26 -18.73
N ASN A 682 4.97 -29.55 -17.70
CA ASN A 682 3.59 -30.05 -17.87
C ASN A 682 2.60 -28.91 -17.75
N GLY A 683 3.07 -27.69 -17.96
CA GLY A 683 2.31 -26.51 -17.62
C GLY A 683 1.40 -26.18 -18.77
N PRO A 684 0.84 -24.98 -18.75
CA PRO A 684 -0.06 -24.57 -19.83
C PRO A 684 0.68 -24.36 -21.16
N THR A 685 -0.01 -24.47 -22.28
CA THR A 685 0.57 -24.14 -23.57
C THR A 685 0.03 -22.75 -23.95
N LEU A 686 0.92 -21.81 -24.23
CA LEU A 686 0.54 -20.45 -24.58
C LEU A 686 0.78 -20.19 -26.05
N ALA A 687 -0.16 -19.52 -26.68
CA ALA A 687 0.00 -19.11 -28.06
C ALA A 687 0.06 -17.60 -28.17
N PHE A 688 0.91 -17.14 -29.07
CA PHE A 688 1.21 -15.73 -29.26
C PHE A 688 0.97 -15.31 -30.68
N SER A 689 0.55 -14.08 -30.84
CA SER A 689 0.35 -13.49 -32.16
C SER A 689 1.72 -13.21 -32.81
N GLU A 690 1.70 -12.85 -34.08
CA GLU A 690 2.91 -12.43 -34.75
C GLU A 690 3.51 -11.11 -34.21
N GLN A 691 2.75 -10.38 -33.38
CA GLN A 691 3.34 -9.21 -32.70
C GLN A 691 3.84 -9.55 -31.29
N GLY A 692 3.86 -10.83 -30.94
CA GLY A 692 4.49 -11.25 -29.70
C GLY A 692 3.60 -11.12 -28.49
N LEU A 693 2.28 -11.01 -28.72
CA LEU A 693 1.34 -10.83 -27.60
C LEU A 693 0.47 -12.08 -27.45
N LEU A 694 0.21 -12.47 -26.21
CA LEU A 694 -0.62 -13.64 -25.91
C LEU A 694 -1.95 -13.60 -26.63
N LYS A 695 -2.33 -14.74 -27.23
CA LYS A 695 -3.66 -14.87 -27.81
C LYS A 695 -4.52 -15.98 -27.18
N SER A 696 -3.89 -17.00 -26.61
CA SER A 696 -4.63 -18.11 -26.00
C SER A 696 -3.81 -18.90 -24.97
N ILE A 697 -4.52 -19.54 -24.05
CA ILE A 697 -3.94 -20.40 -23.02
C ILE A 697 -4.68 -21.73 -23.05
N GLN A 698 -3.93 -22.81 -23.17
CA GLN A 698 -4.47 -24.15 -23.08
C GLN A 698 -3.94 -24.82 -21.83
N LEU A 699 -4.81 -25.09 -20.89
CA LEU A 699 -4.34 -25.57 -19.58
C LEU A 699 -3.70 -26.96 -19.60
N THR A 700 -4.33 -27.90 -20.31
CA THR A 700 -3.81 -29.27 -20.40
C THR A 700 -3.84 -29.76 -21.85
N GLN A 701 -3.25 -30.94 -22.10
CA GLN A 701 -3.16 -31.52 -23.44
C GLN A 701 -4.48 -31.57 -24.24
N ASP A 702 -5.54 -32.02 -23.58
CA ASP A 702 -6.84 -32.20 -24.23
C ASP A 702 -7.69 -30.92 -24.37
N SER A 703 -7.41 -29.92 -23.52
CA SER A 703 -8.36 -28.83 -23.28
C SER A 703 -8.44 -27.77 -24.38
N PRO A 704 -9.49 -26.94 -24.38
CA PRO A 704 -9.61 -25.87 -25.37
C PRO A 704 -8.47 -24.87 -25.25
N HIS A 705 -8.10 -24.29 -26.37
CA HIS A 705 -7.26 -23.09 -26.37
C HIS A 705 -8.18 -21.91 -26.03
N VAL A 706 -8.10 -21.43 -24.79
CA VAL A 706 -9.03 -20.42 -24.30
C VAL A 706 -8.53 -19.05 -24.75
N PRO A 707 -9.33 -18.25 -25.49
CA PRO A 707 -8.90 -16.90 -25.92
C PRO A 707 -8.59 -16.00 -24.73
N VAL A 708 -7.35 -15.50 -24.70
CA VAL A 708 -6.86 -14.56 -23.67
C VAL A 708 -5.87 -13.72 -24.45
N HIS A 709 -6.24 -12.49 -24.75
CA HIS A 709 -5.45 -11.63 -25.62
CA HIS A 709 -5.41 -11.64 -25.58
C HIS A 709 -4.94 -10.42 -24.82
N PHE A 710 -3.64 -10.16 -24.85
CA PHE A 710 -3.10 -8.89 -24.36
C PHE A 710 -3.14 -7.83 -25.47
N LYS A 711 -3.47 -6.60 -25.08
CA LYS A 711 -3.49 -5.47 -25.99
C LYS A 711 -3.05 -4.23 -25.21
N PHE A 712 -2.29 -3.34 -25.85
CA PHE A 712 -1.90 -2.06 -25.26
C PHE A 712 -2.67 -0.94 -25.92
N LEU A 713 -3.22 -0.04 -25.10
CA LEU A 713 -3.98 1.11 -25.62
C LEU A 713 -3.58 2.39 -24.91
N LYS A 714 -4.07 3.53 -25.41
CA LYS A 714 -3.77 4.81 -24.82
C LYS A 714 -5.03 5.63 -24.59
N TYR A 715 -5.07 6.29 -23.44
CA TYR A 715 -6.08 7.28 -23.14
C TYR A 715 -5.45 8.64 -23.37
N GLY A 716 -6.28 9.62 -23.71
CA GLY A 716 -5.81 10.99 -23.88
C GLY A 716 -6.42 11.90 -22.82
N VAL A 717 -6.28 13.19 -23.05
CA VAL A 717 -6.79 14.23 -22.16
C VAL A 717 -7.79 15.10 -22.95
N ARG A 718 -8.74 15.70 -22.24
CA ARG A 718 -9.75 16.56 -22.85
C ARG A 718 -9.13 17.86 -23.30
N SER A 719 -9.57 18.34 -24.46
CA SER A 719 -9.06 19.60 -24.99
C SER A 719 -9.88 20.79 -24.54
N HIS A 720 -11.02 20.53 -23.90
CA HIS A 720 -11.73 21.59 -23.18
C HIS A 720 -12.32 21.00 -21.90
N GLY A 721 -12.65 21.88 -20.96
CA GLY A 721 -13.07 21.41 -19.66
C GLY A 721 -11.88 20.93 -18.85
N ASP A 722 -12.16 20.09 -17.85
CA ASP A 722 -11.18 19.77 -16.81
C ASP A 722 -10.14 18.79 -17.34
N ARG A 723 -8.88 19.03 -16.95
CA ARG A 723 -7.74 18.23 -17.40
C ARG A 723 -7.33 17.18 -16.36
N SER A 724 -6.98 15.98 -16.83
CA SER A 724 -6.34 14.98 -15.99
C SER A 724 -5.04 15.56 -15.41
N GLY A 725 -4.70 15.13 -14.19
CA GLY A 725 -3.45 15.51 -13.56
C GLY A 725 -3.05 14.39 -12.60
N ALA A 726 -2.18 14.68 -11.64
CA ALA A 726 -1.69 13.65 -10.70
C ALA A 726 -2.82 12.96 -9.92
N TYR A 727 -3.89 13.71 -9.62
CA TYR A 727 -5.02 13.15 -8.88
C TYR A 727 -6.14 12.56 -9.77
N LEU A 728 -6.58 13.38 -10.75
CA LEU A 728 -7.80 13.08 -11.48
C LEU A 728 -7.53 12.34 -12.78
N PHE A 729 -8.44 11.42 -13.11
CA PHE A 729 -8.41 10.74 -14.40
C PHE A 729 -9.65 11.21 -15.17
N LEU A 730 -9.43 11.99 -16.23
CA LEU A 730 -10.54 12.59 -16.98
C LEU A 730 -10.29 12.30 -18.46
N PRO A 731 -10.48 11.04 -18.86
CA PRO A 731 -10.10 10.65 -20.24
C PRO A 731 -11.00 11.33 -21.29
N ASN A 732 -10.48 11.49 -22.50
CA ASN A 732 -11.28 11.98 -23.63
C ASN A 732 -11.86 10.76 -24.35
N GLY A 733 -12.61 9.96 -23.59
CA GLY A 733 -13.29 8.79 -24.14
C GLY A 733 -12.49 7.50 -23.95
N PRO A 734 -13.05 6.39 -24.41
CA PRO A 734 -12.39 5.08 -24.35
C PRO A 734 -11.04 5.09 -25.05
N ALA A 735 -10.19 4.18 -24.62
CA ALA A 735 -8.81 4.14 -25.06
C ALA A 735 -8.71 3.69 -26.53
N SER A 736 -7.65 4.12 -27.21
CA SER A 736 -7.43 3.79 -28.62
C SER A 736 -6.23 2.86 -28.68
N PRO A 737 -6.19 1.88 -29.57
CA PRO A 737 -5.03 0.96 -29.59
C PRO A 737 -3.70 1.66 -29.92
N VAL A 738 -2.61 1.23 -29.28
CA VAL A 738 -1.27 1.70 -29.65
C VAL A 738 -0.96 1.08 -31.02
N GLU A 739 -0.50 1.92 -31.95
CA GLU A 739 -0.10 1.42 -33.27
C GLU A 739 1.26 0.75 -33.12
N LEU A 740 1.30 -0.53 -33.43
CA LEU A 740 2.44 -1.38 -33.11
C LEU A 740 3.51 -1.46 -34.20
N GLY A 741 3.16 -1.16 -35.45
CA GLY A 741 4.06 -1.39 -36.55
C GLY A 741 4.32 -2.88 -36.75
N GLN A 742 5.55 -3.24 -37.07
CA GLN A 742 5.98 -4.63 -37.13
C GLN A 742 7.07 -4.86 -36.09
N PRO A 743 6.69 -5.04 -34.84
CA PRO A 743 7.70 -5.04 -33.76
C PRO A 743 8.60 -6.28 -33.81
N VAL A 744 9.80 -6.12 -33.24
CA VAL A 744 10.76 -7.22 -33.11
C VAL A 744 10.39 -8.12 -31.93
N VAL A 745 10.32 -9.43 -32.18
CA VAL A 745 9.94 -10.43 -31.16
C VAL A 745 11.06 -11.40 -30.90
N LEU A 746 11.41 -11.58 -29.63
CA LEU A 746 12.47 -12.48 -29.23
C LEU A 746 11.89 -13.67 -28.45
N VAL A 747 12.12 -14.87 -28.95
CA VAL A 747 11.62 -16.07 -28.32
C VAL A 747 12.79 -16.85 -27.74
N THR A 748 12.77 -17.11 -26.43
CA THR A 748 13.81 -17.94 -25.84
C THR A 748 13.16 -19.21 -25.35
N LYS A 749 13.68 -20.37 -25.75
CA LYS A 749 13.05 -21.63 -25.37
C LYS A 749 14.03 -22.48 -24.60
N GLY A 750 13.69 -22.78 -23.34
CA GLY A 750 14.53 -23.61 -22.51
C GLY A 750 13.77 -24.64 -21.75
N LYS A 751 14.50 -25.57 -21.12
CA LYS A 751 13.86 -26.67 -20.40
C LYS A 751 13.18 -26.17 -19.13
N LEU A 752 13.83 -25.20 -18.48
CA LEU A 752 13.34 -24.67 -17.20
C LEU A 752 12.53 -23.38 -17.37
N GLU A 753 12.87 -22.56 -18.37
CA GLU A 753 12.28 -21.23 -18.52
C GLU A 753 12.25 -20.89 -20.01
N SER A 754 11.10 -20.46 -20.50
CA SER A 754 10.99 -19.91 -21.85
C SER A 754 10.35 -18.55 -21.76
N SER A 755 10.49 -17.75 -22.82
CA SER A 755 9.91 -16.41 -22.81
CA SER A 755 9.81 -16.46 -22.82
C SER A 755 9.65 -15.88 -24.21
N VAL A 756 8.70 -14.96 -24.33
CA VAL A 756 8.49 -14.21 -25.56
C VAL A 756 8.55 -12.75 -25.14
N SER A 757 9.44 -11.98 -25.76
CA SER A 757 9.59 -10.54 -25.46
C SER A 757 9.39 -9.74 -26.73
N VAL A 758 8.69 -8.62 -26.66
CA VAL A 758 8.46 -7.80 -27.83
C VAL A 758 8.69 -6.30 -27.52
N GLY A 759 9.36 -5.61 -28.42
CA GLY A 759 9.65 -4.18 -28.28
C GLY A 759 8.55 -3.38 -28.91
N LEU A 760 7.60 -2.95 -28.09
CA LEU A 760 6.47 -2.13 -28.52
C LEU A 760 6.74 -0.68 -28.25
N PRO A 761 6.01 0.25 -28.88
CA PRO A 761 6.20 1.66 -28.53
C PRO A 761 5.87 1.84 -27.05
N SER A 762 6.86 2.36 -26.31
CA SER A 762 6.78 2.65 -24.87
C SER A 762 6.87 1.46 -23.92
N VAL A 763 6.86 0.25 -24.44
CA VAL A 763 6.80 -0.93 -23.59
C VAL A 763 7.57 -2.10 -24.18
N VAL A 764 8.55 -2.61 -23.45
CA VAL A 764 9.08 -3.95 -23.75
C VAL A 764 8.25 -4.91 -22.92
N HIS A 765 7.48 -5.75 -23.60
CA HIS A 765 6.48 -6.62 -23.00
C HIS A 765 6.99 -8.06 -23.03
N GLN A 766 6.98 -8.72 -21.88
CA GLN A 766 7.63 -10.03 -21.76
CA GLN A 766 7.60 -10.04 -21.78
C GLN A 766 6.67 -11.02 -21.11
N THR A 767 6.52 -12.20 -21.73
CA THR A 767 5.77 -13.28 -21.13
C THR A 767 6.72 -14.39 -20.79
N ILE A 768 6.80 -14.74 -19.51
CA ILE A 768 7.78 -15.75 -19.05
C ILE A 768 7.08 -17.01 -18.51
N MET A 769 7.55 -18.17 -18.96
CA MET A 769 6.94 -19.44 -18.58
C MET A 769 7.93 -20.32 -17.83
N ARG A 770 7.54 -20.80 -16.65
CA ARG A 770 8.38 -21.69 -15.88
C ARG A 770 7.67 -22.98 -15.49
N GLY A 771 6.51 -23.22 -16.10
CA GLY A 771 5.80 -24.47 -15.88
C GLY A 771 4.46 -24.31 -15.19
N GLY A 772 4.17 -23.09 -14.72
CA GLY A 772 2.87 -22.77 -14.12
C GLY A 772 2.28 -21.54 -14.79
N ALA A 773 1.48 -20.76 -14.04
CA ALA A 773 0.95 -19.50 -14.56
C ALA A 773 2.12 -18.63 -15.03
N PRO A 774 2.00 -18.03 -16.21
CA PRO A 774 3.11 -17.18 -16.68
C PRO A 774 3.33 -15.93 -15.79
N GLU A 775 4.55 -15.42 -15.88
CA GLU A 775 4.89 -14.12 -15.35
C GLU A 775 4.91 -13.12 -16.50
N ILE A 776 4.38 -11.93 -16.26
CA ILE A 776 4.39 -10.87 -17.28
C ILE A 776 5.30 -9.78 -16.72
N ARG A 777 6.22 -9.26 -17.53
CA ARG A 777 7.01 -8.07 -17.15
C ARG A 777 6.90 -7.02 -18.25
N ASN A 778 6.61 -5.78 -17.85
CA ASN A 778 6.58 -4.65 -18.79
C ASN A 778 7.62 -3.64 -18.40
N LEU A 779 8.55 -3.37 -19.32
CA LEU A 779 9.50 -2.27 -19.09
C LEU A 779 8.88 -1.06 -19.73
N VAL A 780 8.33 -0.18 -18.90
CA VAL A 780 7.47 0.90 -19.41
C VAL A 780 8.25 2.24 -19.44
N ASP A 781 8.37 2.83 -20.62
CA ASP A 781 9.05 4.11 -20.80
C ASP A 781 8.22 4.98 -21.72
N ILE A 782 7.34 5.77 -21.11
CA ILE A 782 6.42 6.63 -21.81
C ILE A 782 7.11 7.81 -22.50
N GLY A 783 8.40 7.99 -22.22
CA GLY A 783 9.24 8.87 -23.02
C GLY A 783 8.66 10.25 -22.97
N SER A 784 8.51 10.87 -24.14
CA SER A 784 7.97 12.23 -24.20
C SER A 784 6.52 12.34 -24.69
N LEU A 785 5.76 11.26 -24.56
CA LEU A 785 4.36 11.26 -24.99
C LEU A 785 3.49 12.03 -24.01
N ASP A 786 3.35 13.33 -24.21
CA ASP A 786 2.57 14.12 -23.26
CA ASP A 786 2.56 14.16 -23.30
C ASP A 786 1.09 13.81 -23.39
N ASN A 787 0.39 14.02 -22.28
CA ASN A 787 -1.04 13.84 -22.21
C ASN A 787 -1.48 12.47 -22.70
N THR A 788 -0.77 11.44 -22.22
CA THR A 788 -1.07 10.05 -22.60
C THR A 788 -1.07 9.16 -21.35
N GLU A 789 -2.02 8.23 -21.28
CA GLU A 789 -1.98 7.17 -20.26
C GLU A 789 -1.94 5.83 -21.00
N ILE A 790 -0.95 4.99 -20.69
CA ILE A 790 -0.81 3.68 -21.36
CA ILE A 790 -0.81 3.69 -21.37
C ILE A 790 -1.46 2.62 -20.50
N VAL A 791 -2.42 1.91 -21.11
CA VAL A 791 -3.15 0.83 -20.42
C VAL A 791 -2.83 -0.54 -21.03
N MET A 792 -2.72 -1.55 -20.18
CA MET A 792 -2.62 -2.94 -20.63
C MET A 792 -3.96 -3.62 -20.40
N ARG A 793 -4.58 -4.10 -21.49
CA ARG A 793 -5.87 -4.76 -21.41
C ARG A 793 -5.77 -6.26 -21.74
N LEU A 794 -6.56 -7.07 -21.02
CA LEU A 794 -6.79 -8.48 -21.34
C LEU A 794 -8.22 -8.64 -21.89
N GLU A 795 -8.32 -9.25 -23.07
CA GLU A 795 -9.61 -9.54 -23.69
C GLU A 795 -9.87 -11.05 -23.62
N THR A 796 -11.00 -11.42 -23.04
CA THR A 796 -11.40 -12.82 -23.00
C THR A 796 -12.86 -12.93 -23.38
N HIS A 797 -13.34 -14.16 -23.43
CA HIS A 797 -14.74 -14.41 -23.70
C HIS A 797 -15.47 -14.85 -22.43
N ILE A 798 -14.85 -14.69 -21.25
CA ILE A 798 -15.49 -15.00 -19.97
C ILE A 798 -16.75 -14.13 -19.82
N ASP A 799 -17.86 -14.75 -19.43
CA ASP A 799 -19.13 -14.04 -19.32
C ASP A 799 -19.26 -13.42 -17.93
N SER A 800 -18.47 -12.38 -17.69
CA SER A 800 -18.40 -11.77 -16.36
C SER A 800 -19.49 -10.69 -16.21
N GLY A 801 -20.03 -10.19 -17.34
CA GLY A 801 -21.06 -9.18 -17.29
C GLY A 801 -20.52 -7.86 -16.82
N ASP A 802 -21.08 -7.36 -15.71
CA ASP A 802 -20.66 -6.12 -15.13
C ASP A 802 -19.91 -6.30 -13.81
N ILE A 803 -19.56 -7.55 -13.48
CA ILE A 803 -18.88 -7.87 -12.21
C ILE A 803 -17.39 -8.11 -12.36
N PHE A 804 -16.62 -7.59 -11.39
CA PHE A 804 -15.19 -7.87 -11.29
C PHE A 804 -14.74 -7.72 -9.85
N TYR A 805 -13.51 -8.14 -9.56
CA TYR A 805 -13.04 -8.10 -8.17
C TYR A 805 -11.69 -7.45 -8.16
N THR A 806 -11.47 -6.60 -7.15
CA THR A 806 -10.16 -5.98 -6.95
C THR A 806 -9.84 -6.09 -5.48
N ASP A 807 -8.54 -6.00 -5.12
CA ASP A 807 -8.21 -6.15 -3.70
C ASP A 807 -8.18 -4.80 -3.00
N LEU A 808 -8.26 -4.87 -1.68
CA LEU A 808 -8.05 -3.69 -0.83
C LEU A 808 -6.80 -3.92 0.01
N ASN A 809 -5.79 -3.11 -0.27
CA ASN A 809 -4.55 -3.12 0.47
C ASN A 809 -3.87 -4.48 0.59
N GLY A 810 -4.05 -5.35 -0.39
CA GLY A 810 -3.38 -6.66 -0.31
C GLY A 810 -3.97 -7.58 0.74
N LEU A 811 -5.12 -7.19 1.31
CA LEU A 811 -5.73 -7.88 2.44
C LEU A 811 -6.97 -8.71 2.07
N GLN A 812 -7.80 -8.19 1.18
CA GLN A 812 -9.12 -8.77 0.88
C GLN A 812 -9.50 -8.41 -0.54
N PHE A 813 -10.35 -9.24 -1.16
CA PHE A 813 -10.94 -8.96 -2.48
C PHE A 813 -12.39 -8.56 -2.34
N ILE A 814 -12.71 -7.44 -2.96
CA ILE A 814 -14.05 -6.87 -2.89
C ILE A 814 -14.72 -6.91 -4.26
N LYS A 815 -16.01 -7.31 -4.25
CA LYS A 815 -16.80 -7.31 -5.48
C LYS A 815 -17.08 -5.89 -5.95
N ARG A 816 -16.77 -5.67 -7.23
CA ARG A 816 -17.07 -4.44 -7.92
C ARG A 816 -18.14 -4.66 -8.95
N ARG A 817 -18.97 -3.63 -9.13
CA ARG A 817 -19.92 -3.67 -10.24
C ARG A 817 -19.69 -2.46 -11.11
N ARG A 818 -19.41 -2.69 -12.38
CA ARG A 818 -19.34 -1.60 -13.35
C ARG A 818 -20.69 -0.92 -13.48
N LEU A 819 -20.70 0.41 -13.40
CA LEU A 819 -21.94 1.19 -13.43
C LEU A 819 -21.91 2.11 -14.64
N ASP A 820 -22.74 1.79 -15.64
CA ASP A 820 -22.78 2.63 -16.83
C ASP A 820 -23.43 4.00 -16.53
N LYS A 821 -24.10 4.14 -15.38
CA LYS A 821 -24.62 5.47 -14.97
C LYS A 821 -23.51 6.41 -14.50
N LEU A 822 -22.31 5.86 -14.28
CA LEU A 822 -21.14 6.66 -13.89
C LEU A 822 -20.15 6.73 -15.05
N PRO A 823 -19.35 7.80 -15.12
CA PRO A 823 -18.35 7.90 -16.21
C PRO A 823 -17.23 6.87 -16.07
N LEU A 824 -16.52 6.68 -17.18
CA LEU A 824 -15.46 5.68 -17.25
C LEU A 824 -14.49 5.74 -16.04
N GLN A 825 -13.98 6.94 -15.72
CA GLN A 825 -13.02 7.08 -14.62
C GLN A 825 -13.56 6.69 -13.24
N ALA A 826 -14.90 6.67 -13.08
CA ALA A 826 -15.50 6.27 -11.78
C ALA A 826 -15.47 4.76 -11.63
N ASN A 827 -15.38 4.06 -12.76
CA ASN A 827 -15.28 2.60 -12.73
C ASN A 827 -13.86 2.07 -12.61
N TYR A 828 -12.91 2.98 -12.52
CA TYR A 828 -11.53 2.64 -12.13
C TYR A 828 -11.41 2.53 -10.61
N TYR A 829 -10.69 1.51 -10.19
CA TYR A 829 -10.45 1.21 -8.76
C TYR A 829 -8.96 0.94 -8.52
N PRO A 830 -8.51 1.06 -7.27
CA PRO A 830 -7.14 0.67 -6.95
C PRO A 830 -6.95 -0.81 -7.21
N ILE A 831 -5.82 -1.19 -7.79
CA ILE A 831 -5.38 -2.58 -7.88
C ILE A 831 -4.09 -2.75 -7.11
N PRO A 832 -4.18 -2.72 -5.79
CA PRO A 832 -2.95 -2.75 -4.99
C PRO A 832 -2.22 -4.06 -5.08
N SER A 833 -2.91 -5.17 -5.42
CA SER A 833 -2.19 -6.44 -5.59
C SER A 833 -2.87 -7.45 -6.55
N GLY A 834 -4.13 -7.24 -6.92
CA GLY A 834 -4.73 -8.19 -7.84
C GLY A 834 -6.14 -7.86 -8.23
N MET A 835 -6.59 -8.48 -9.31
CA MET A 835 -7.96 -8.30 -9.79
C MET A 835 -8.37 -9.57 -10.54
N PHE A 836 -9.68 -9.84 -10.59
CA PHE A 836 -10.14 -11.00 -11.35
C PHE A 836 -11.53 -10.80 -11.92
N ILE A 837 -11.78 -11.52 -13.01
CA ILE A 837 -13.14 -11.76 -13.52
C ILE A 837 -13.44 -13.24 -13.58
N GLU A 838 -14.73 -13.55 -13.50
CA GLU A 838 -15.12 -14.96 -13.61
C GLU A 838 -16.56 -15.12 -14.09
N ASP A 839 -16.83 -16.29 -14.66
CA ASP A 839 -18.20 -16.71 -14.86
C ASP A 839 -18.45 -18.05 -14.11
N ALA A 840 -19.52 -18.77 -14.49
CA ALA A 840 -19.75 -20.03 -13.81
C ALA A 840 -18.56 -21.01 -13.86
N ASN A 841 -17.81 -20.99 -14.96
CA ASN A 841 -16.78 -22.04 -15.22
C ASN A 841 -15.33 -21.63 -15.17
N THR A 842 -15.06 -20.36 -15.48
CA THR A 842 -13.72 -19.87 -15.78
C THR A 842 -13.43 -18.58 -15.03
N ARG A 843 -12.21 -18.48 -14.52
CA ARG A 843 -11.75 -17.23 -13.89
C ARG A 843 -10.37 -16.85 -14.45
N LEU A 844 -10.15 -15.55 -14.62
CA LEU A 844 -8.83 -15.02 -14.97
C LEU A 844 -8.46 -14.03 -13.86
N THR A 845 -7.32 -14.30 -13.24
CA THR A 845 -6.78 -13.45 -12.16
C THR A 845 -5.45 -12.85 -12.63
N LEU A 846 -5.32 -11.53 -12.46
CA LEU A 846 -4.06 -10.85 -12.72
C LEU A 846 -3.53 -10.36 -11.38
N LEU A 847 -2.38 -10.90 -10.96
CA LEU A 847 -1.72 -10.46 -9.71
C LEU A 847 -0.64 -9.42 -10.08
N THR A 848 -0.43 -8.42 -9.22
CA THR A 848 0.52 -7.33 -9.48
C THR A 848 1.64 -7.26 -8.43
N GLY A 849 2.82 -6.84 -8.90
CA GLY A 849 3.90 -6.52 -7.96
C GLY A 849 3.98 -5.03 -7.61
N GLN A 850 2.94 -4.27 -7.93
CA GLN A 850 2.93 -2.82 -7.66
C GLN A 850 1.48 -2.38 -7.71
N PRO A 851 1.08 -1.38 -6.93
CA PRO A 851 -0.28 -0.85 -7.03
C PRO A 851 -0.44 0.04 -8.25
N LEU A 852 -1.50 -0.23 -9.02
CA LEU A 852 -1.82 0.53 -10.22
C LEU A 852 -3.35 0.64 -10.32
N GLY A 853 -3.86 1.49 -11.20
CA GLY A 853 -5.30 1.61 -11.32
C GLY A 853 -5.85 0.69 -12.41
N GLY A 854 -7.09 0.26 -12.24
CA GLY A 854 -7.65 -0.59 -13.26
C GLY A 854 -9.12 -0.82 -13.17
N SER A 855 -9.63 -1.63 -14.12
CA SER A 855 -11.07 -1.81 -14.20
C SER A 855 -11.39 -3.02 -15.05
N SER A 856 -12.70 -3.28 -15.18
CA SER A 856 -13.24 -4.17 -16.23
C SER A 856 -14.34 -3.37 -16.93
N LEU A 857 -14.03 -2.79 -18.10
CA LEU A 857 -14.93 -1.81 -18.73
C LEU A 857 -15.93 -2.51 -19.66
N ALA A 858 -15.74 -3.80 -19.88
CA ALA A 858 -16.71 -4.61 -20.60
C ALA A 858 -16.62 -6.07 -20.17
N SER A 859 -17.70 -6.82 -20.34
CA SER A 859 -17.70 -8.22 -19.97
C SER A 859 -16.50 -8.90 -20.63
N GLY A 860 -15.82 -9.74 -19.87
CA GLY A 860 -14.67 -10.50 -20.35
C GLY A 860 -13.33 -9.78 -20.32
N GLU A 861 -13.34 -8.49 -19.92
CA GLU A 861 -12.11 -7.69 -19.92
C GLU A 861 -11.52 -7.41 -18.52
N LEU A 862 -10.19 -7.28 -18.50
CA LEU A 862 -9.48 -6.67 -17.34
C LEU A 862 -8.53 -5.63 -17.93
N GLU A 863 -8.29 -4.54 -17.22
CA GLU A 863 -7.25 -3.62 -17.69
C GLU A 863 -6.60 -2.93 -16.53
N ILE A 864 -5.35 -2.54 -16.75
CA ILE A 864 -4.56 -1.98 -15.64
C ILE A 864 -3.63 -0.94 -16.25
N MET A 865 -3.66 0.27 -15.71
CA MET A 865 -2.87 1.39 -16.25
C MET A 865 -1.37 1.18 -15.92
N GLN A 866 -0.51 1.49 -16.89
CA GLN A 866 0.93 1.28 -16.73
C GLN A 866 1.70 2.56 -16.32
N ASP A 867 1.36 3.68 -16.96
CA ASP A 867 1.97 4.97 -16.58
C ASP A 867 1.11 6.05 -17.22
N ARG A 868 1.36 7.29 -16.82
CA ARG A 868 0.61 8.42 -17.29
C ARG A 868 1.50 9.64 -17.24
N ARG A 869 1.43 10.43 -18.32
CA ARG A 869 2.28 11.61 -18.46
C ARG A 869 1.36 12.75 -18.86
N LEU A 870 1.26 13.74 -17.98
CA LEU A 870 0.20 14.75 -18.06
C LEU A 870 0.79 16.14 -17.97
N ALA A 871 0.44 16.97 -18.93
CA ALA A 871 1.07 18.27 -18.99
C ALA A 871 0.44 19.30 -18.03
N SER A 872 -0.83 19.10 -17.68
CA SER A 872 -1.60 20.07 -16.91
C SER A 872 -1.70 19.75 -15.43
N ASP A 873 -1.86 20.82 -14.64
CA ASP A 873 -2.26 20.70 -13.24
C ASP A 873 -3.76 20.45 -13.16
N ASP A 874 -4.23 19.71 -12.14
CA ASP A 874 -5.66 19.39 -12.00
C ASP A 874 -6.33 20.06 -10.79
N GLU A 875 -5.78 21.21 -10.40
CA GLU A 875 -6.44 22.19 -9.54
CA GLU A 875 -6.54 22.15 -9.57
C GLU A 875 -6.76 21.65 -8.15
N ARG A 876 -5.88 20.75 -7.66
CA ARG A 876 -6.02 20.21 -6.29
C ARG A 876 -4.90 20.68 -5.38
N GLY A 877 -4.09 21.61 -5.87
CA GLY A 877 -3.00 22.17 -5.07
C GLY A 877 -1.57 21.78 -5.39
N LEU A 878 -1.39 20.79 -6.27
CA LEU A 878 -0.02 20.35 -6.60
C LEU A 878 0.72 21.41 -7.43
N GLY A 879 0.01 22.08 -8.35
CA GLY A 879 0.53 23.19 -9.13
C GLY A 879 1.55 22.75 -10.20
N GLN A 880 1.40 21.53 -10.69
CA GLN A 880 2.25 21.02 -11.77
C GLN A 880 1.57 19.80 -12.35
N GLY A 881 1.97 19.41 -13.57
CA GLY A 881 1.53 18.16 -14.15
C GLY A 881 2.42 17.01 -13.72
N VAL A 882 2.41 15.94 -14.51
CA VAL A 882 3.23 14.78 -14.20
C VAL A 882 4.11 14.56 -15.41
N LEU A 883 5.32 15.11 -15.37
CA LEU A 883 6.22 15.04 -16.52
C LEU A 883 7.58 14.49 -16.15
N ASP A 884 7.67 13.85 -14.99
CA ASP A 884 8.89 13.28 -14.46
C ASP A 884 9.00 11.77 -14.58
N ASN A 885 8.31 11.23 -15.57
CA ASN A 885 8.34 9.80 -15.77
C ASN A 885 9.72 9.24 -15.96
N LYS A 886 9.90 7.99 -15.54
CA LYS A 886 11.17 7.30 -15.72
C LYS A 886 10.86 5.81 -15.97
N PRO A 887 11.73 5.12 -16.68
CA PRO A 887 11.45 3.70 -16.96
C PRO A 887 11.18 2.92 -15.68
N VAL A 888 10.16 2.08 -15.74
CA VAL A 888 9.78 1.24 -14.62
C VAL A 888 9.51 -0.18 -15.14
N LEU A 889 9.91 -1.16 -14.34
CA LEU A 889 9.61 -2.57 -14.64
C LEU A 889 8.44 -3.08 -13.80
N HIS A 890 7.27 -3.14 -14.42
CA HIS A 890 6.09 -3.68 -13.73
C HIS A 890 6.03 -5.20 -13.87
N ILE A 891 5.64 -5.88 -12.80
CA ILE A 891 5.62 -7.37 -12.82
C ILE A 891 4.23 -7.88 -12.45
N TYR A 892 3.86 -9.05 -13.02
CA TYR A 892 2.55 -9.63 -12.82
C TYR A 892 2.62 -11.15 -12.93
N ARG A 893 1.56 -11.81 -12.43
CA ARG A 893 1.31 -13.23 -12.78
C ARG A 893 -0.11 -13.32 -13.33
N LEU A 894 -0.29 -14.18 -14.34
CA LEU A 894 -1.58 -14.29 -15.01
C LEU A 894 -2.07 -15.73 -14.84
N VAL A 895 -3.17 -15.89 -14.09
CA VAL A 895 -3.68 -17.21 -13.70
C VAL A 895 -5.08 -17.44 -14.30
N LEU A 896 -5.14 -18.34 -15.30
CA LEU A 896 -6.41 -18.80 -15.86
C LEU A 896 -6.76 -20.12 -15.19
N GLU A 897 -7.98 -20.25 -14.67
CA GLU A 897 -8.39 -21.45 -13.92
C GLU A 897 -9.83 -21.85 -14.21
N LYS A 898 -10.10 -23.15 -14.09
CA LYS A 898 -11.47 -23.63 -14.06
C LYS A 898 -11.98 -23.53 -12.62
N VAL A 899 -13.12 -22.89 -12.47
CA VAL A 899 -13.68 -22.65 -11.14
C VAL A 899 -15.06 -23.27 -10.90
N ASN A 900 -15.52 -24.10 -11.85
CA ASN A 900 -16.84 -24.68 -11.71
C ASN A 900 -16.99 -25.56 -10.46
N ASN A 901 -15.88 -26.10 -9.97
CA ASN A 901 -15.91 -26.98 -8.80
C ASN A 901 -15.66 -26.24 -7.48
N CYS A 902 -15.36 -24.96 -7.56
CA CYS A 902 -15.01 -24.19 -6.35
C CYS A 902 -16.24 -23.85 -5.53
N VAL A 903 -16.09 -23.90 -4.20
CA VAL A 903 -17.15 -23.42 -3.32
C VAL A 903 -17.05 -21.90 -3.18
N ARG A 904 -17.88 -21.20 -3.92
CA ARG A 904 -17.82 -19.73 -3.97
C ARG A 904 -18.93 -19.10 -3.09
N PRO A 905 -18.74 -17.84 -2.69
CA PRO A 905 -19.81 -17.11 -2.01
C PRO A 905 -21.05 -17.01 -2.92
N SER A 906 -22.20 -16.81 -2.30
CA SER A 906 -23.44 -16.62 -3.02
C SER A 906 -23.42 -15.31 -3.79
N LYS A 907 -24.39 -15.18 -4.70
CA LYS A 907 -24.50 -14.02 -5.58
C LYS A 907 -24.58 -12.70 -4.81
N LEU A 908 -25.08 -12.76 -3.58
CA LEU A 908 -25.29 -11.54 -2.81
C LEU A 908 -24.13 -11.22 -1.85
N HIS A 909 -23.09 -12.06 -1.83
CA HIS A 909 -21.98 -11.83 -0.91
C HIS A 909 -21.09 -10.75 -1.53
N PRO A 910 -20.70 -9.75 -0.74
CA PRO A 910 -19.86 -8.68 -1.30
C PRO A 910 -18.36 -9.01 -1.45
N ALA A 911 -17.91 -10.19 -1.04
CA ALA A 911 -16.47 -10.54 -1.11
C ALA A 911 -16.22 -11.56 -2.20
N GLY A 912 -14.95 -11.65 -2.59
CA GLY A 912 -14.42 -12.78 -3.33
C GLY A 912 -13.13 -13.29 -2.70
N TYR A 913 -12.68 -14.47 -3.12
CA TYR A 913 -11.50 -15.12 -2.57
C TYR A 913 -10.65 -15.74 -3.65
N LEU A 914 -9.34 -15.66 -3.45
CA LEU A 914 -8.42 -16.32 -4.36
C LEU A 914 -8.44 -17.84 -4.26
N THR A 915 -8.00 -18.49 -5.34
CA THR A 915 -7.59 -19.89 -5.28
C THR A 915 -6.16 -20.01 -4.73
N SER A 916 -5.76 -21.24 -4.38
CA SER A 916 -4.39 -21.51 -3.93
C SER A 916 -3.35 -21.03 -4.95
N ALA A 917 -3.57 -21.33 -6.24
CA ALA A 917 -2.56 -20.97 -7.24
C ALA A 917 -2.43 -19.47 -7.35
N ALA A 918 -3.54 -18.75 -7.23
CA ALA A 918 -3.48 -17.29 -7.41
C ALA A 918 -2.81 -16.67 -6.18
N HIS A 919 -3.09 -17.19 -5.01
CA HIS A 919 -2.45 -16.69 -3.80
C HIS A 919 -0.94 -16.94 -3.85
N LYS A 920 -0.57 -18.16 -4.22
CA LYS A 920 0.87 -18.46 -4.35
C LYS A 920 1.53 -17.54 -5.40
N ALA A 921 0.83 -17.27 -6.49
CA ALA A 921 1.38 -16.37 -7.53
C ALA A 921 1.57 -14.95 -6.96
N SER A 922 0.61 -14.48 -6.15
CA SER A 922 0.78 -13.16 -5.51
C SER A 922 2.00 -13.14 -4.60
N GLN A 923 2.17 -14.20 -3.80
CA GLN A 923 3.36 -14.31 -2.93
C GLN A 923 4.68 -14.34 -3.70
N SER A 924 4.66 -14.92 -4.90
CA SER A 924 5.86 -15.01 -5.72
CA SER A 924 5.87 -14.99 -5.70
C SER A 924 6.32 -13.62 -6.19
N LEU A 925 5.36 -12.70 -6.27
CA LEU A 925 5.64 -11.32 -6.74
C LEU A 925 6.04 -10.44 -5.53
N LEU A 926 5.28 -10.56 -4.44
CA LEU A 926 5.49 -9.65 -3.29
C LEU A 926 6.60 -10.09 -2.36
N ASP A 927 6.77 -11.39 -2.21
CA ASP A 927 7.78 -11.91 -1.26
C ASP A 927 8.60 -13.02 -1.91
N PRO A 928 9.35 -12.71 -2.96
CA PRO A 928 10.18 -13.73 -3.63
C PRO A 928 11.30 -14.24 -2.70
N LEU A 929 11.99 -15.31 -3.11
CA LEU A 929 13.25 -15.61 -2.45
C LEU A 929 14.21 -14.45 -2.59
N ASP A 930 14.94 -14.19 -1.52
CA ASP A 930 16.08 -13.25 -1.58
C ASP A 930 17.36 -13.99 -1.99
N LYS A 931 18.21 -13.33 -2.76
CA LYS A 931 19.42 -13.97 -3.26
C LYS A 931 20.67 -13.21 -2.84
N PHE A 932 21.66 -13.94 -2.34
CA PHE A 932 22.88 -13.34 -1.80
C PHE A 932 24.08 -13.97 -2.50
N ILE A 933 25.05 -13.14 -2.88
CA ILE A 933 26.25 -13.62 -3.54
C ILE A 933 27.41 -13.40 -2.59
N PHE A 934 28.15 -14.47 -2.23
CA PHE A 934 29.29 -14.27 -1.32
C PHE A 934 30.35 -13.34 -2.00
N ALA A 935 30.81 -12.34 -1.25
CA ALA A 935 31.59 -11.26 -1.86
C ALA A 935 33.08 -11.59 -2.01
N GLU A 936 33.64 -12.36 -1.09
N GLU A 936 33.65 -12.32 -1.04
CA GLU A 936 35.07 -12.69 -1.12
CA GLU A 936 35.07 -12.71 -1.00
C GLU A 936 35.33 -13.99 -1.85
C GLU A 936 35.33 -13.96 -1.86
N ASN A 937 36.58 -14.44 -1.88
CA ASN A 937 36.90 -15.64 -2.65
C ASN A 937 36.51 -16.93 -1.94
N GLU A 938 36.72 -16.94 -0.62
CA GLU A 938 36.48 -18.15 0.14
C GLU A 938 35.64 -17.90 1.39
N TRP A 939 34.60 -18.69 1.57
CA TRP A 939 33.75 -18.57 2.77
C TRP A 939 34.08 -19.68 3.75
N ILE A 940 34.91 -19.35 4.75
CA ILE A 940 35.39 -20.35 5.72
C ILE A 940 34.27 -20.63 6.75
N GLY A 941 33.98 -21.90 6.99
CA GLY A 941 32.97 -22.34 7.94
C GLY A 941 31.54 -22.29 7.41
N ALA A 942 31.36 -22.15 6.09
CA ALA A 942 30.03 -22.11 5.46
C ALA A 942 29.18 -23.34 5.74
N GLN A 943 27.88 -23.12 5.96
CA GLN A 943 26.93 -24.17 6.18
C GLN A 943 25.82 -24.16 5.11
N GLY A 944 25.19 -25.29 4.90
CA GLY A 944 24.33 -25.50 3.76
C GLY A 944 22.89 -25.05 3.91
N GLN A 945 22.43 -24.91 5.14
CA GLN A 945 20.99 -24.65 5.36
C GLN A 945 20.76 -24.09 6.76
N PHE A 946 19.74 -23.25 6.88
CA PHE A 946 19.20 -22.80 8.16
C PHE A 946 17.67 -22.93 8.11
N GLY A 947 17.07 -23.40 9.21
CA GLY A 947 15.64 -23.51 9.31
C GLY A 947 15.04 -24.79 8.84
N GLY A 948 15.85 -25.83 8.58
CA GLY A 948 15.29 -27.09 8.15
C GLY A 948 14.32 -27.72 9.16
N ASP A 949 14.43 -27.34 10.43
CA ASP A 949 13.50 -27.81 11.45
C ASP A 949 12.34 -26.83 11.75
N HIS A 950 12.22 -25.74 10.98
CA HIS A 950 11.07 -24.84 11.14
C HIS A 950 9.80 -25.52 10.64
N PRO A 951 8.68 -25.36 11.36
CA PRO A 951 7.41 -25.94 10.90
C PRO A 951 7.01 -25.35 9.55
N SER A 952 6.48 -26.20 8.70
CA SER A 952 6.00 -25.81 7.38
C SER A 952 4.48 -25.66 7.48
N ALA A 953 4.04 -24.42 7.66
CA ALA A 953 2.63 -24.10 7.93
C ALA A 953 1.71 -24.25 6.73
N ARG A 954 0.42 -24.45 7.00
CA ARG A 954 -0.57 -24.47 5.95
C ARG A 954 -0.44 -23.22 5.05
N GLU A 955 -0.68 -23.43 3.74
CA GLU A 955 -0.41 -22.41 2.71
C GLU A 955 -1.13 -21.09 2.89
N ASP A 956 -2.26 -21.08 3.60
CA ASP A 956 -3.01 -19.83 3.80
C ASP A 956 -2.52 -19.01 5.01
N LEU A 957 -1.57 -19.55 5.76
CA LEU A 957 -1.00 -18.87 6.94
C LEU A 957 0.32 -18.16 6.56
N ASP A 958 0.46 -16.90 7.01
CA ASP A 958 1.73 -16.17 6.86
C ASP A 958 2.23 -15.59 8.17
N VAL A 959 3.54 -15.53 8.31
CA VAL A 959 4.15 -14.76 9.41
C VAL A 959 4.47 -13.42 8.79
N SER A 960 3.51 -12.50 8.86
CA SER A 960 3.64 -11.21 8.14
C SER A 960 4.82 -10.36 8.69
N VAL A 961 5.01 -10.45 10.00
CA VAL A 961 6.06 -9.71 10.71
C VAL A 961 6.69 -10.64 11.74
N MET A 962 8.03 -10.63 11.76
CA MET A 962 8.80 -11.18 12.87
C MET A 962 9.77 -10.06 13.22
N ARG A 963 9.68 -9.57 14.45
CA ARG A 963 10.50 -8.45 14.91
C ARG A 963 10.96 -8.66 16.35
N ARG A 964 12.27 -8.68 16.57
CA ARG A 964 12.78 -8.65 17.95
C ARG A 964 12.50 -7.27 18.52
N LEU A 965 11.93 -7.24 19.74
CA LEU A 965 11.41 -6.00 20.33
C LEU A 965 12.35 -5.44 21.41
N THR A 966 13.36 -6.23 21.76
CA THR A 966 14.35 -5.83 22.79
C THR A 966 15.77 -5.74 22.25
N LYS A 967 16.52 -4.77 22.80
CA LYS A 967 17.97 -4.68 22.59
C LYS A 967 18.73 -5.70 23.44
N SER A 968 20.02 -5.84 23.18
CA SER A 968 20.77 -6.97 23.75
C SER A 968 20.93 -6.84 25.26
N SER A 969 20.77 -5.64 25.78
CA SER A 969 20.94 -5.42 27.24
C SER A 969 19.74 -5.88 28.10
N ALA A 970 18.60 -6.19 27.49
CA ALA A 970 17.43 -6.70 28.21
C ALA A 970 17.60 -8.14 28.69
N LYS A 971 17.44 -8.34 30.00
CA LYS A 971 17.47 -9.66 30.60
C LYS A 971 16.44 -10.60 29.96
N THR A 972 15.22 -10.09 29.78
CA THR A 972 14.18 -10.87 29.14
C THR A 972 14.03 -10.39 27.70
N GLN A 973 14.42 -11.21 26.76
CA GLN A 973 14.26 -10.91 25.36
C GLN A 973 12.83 -11.12 24.89
N ARG A 974 12.36 -10.25 23.98
CA ARG A 974 11.01 -10.38 23.48
C ARG A 974 11.00 -10.31 21.95
N VAL A 975 10.22 -11.19 21.36
CA VAL A 975 10.08 -11.27 19.91
C VAL A 975 8.62 -11.23 19.56
N GLY A 976 8.29 -10.29 18.65
CA GLY A 976 6.92 -10.09 18.20
C GLY A 976 6.68 -10.73 16.84
N TYR A 977 5.50 -11.31 16.71
CA TYR A 977 5.04 -11.91 15.46
C TYR A 977 3.65 -11.41 15.11
N VAL A 978 3.43 -11.05 13.84
CA VAL A 978 2.07 -10.86 13.34
C VAL A 978 1.75 -12.03 12.40
N LEU A 979 0.66 -12.73 12.71
CA LEU A 979 0.23 -13.93 11.99
C LEU A 979 -1.05 -13.58 11.24
N HIS A 980 -1.06 -13.78 9.93
CA HIS A 980 -2.24 -13.52 9.12
C HIS A 980 -2.65 -14.81 8.40
N ARG A 981 -3.92 -15.18 8.50
CA ARG A 981 -4.45 -16.25 7.65
C ARG A 981 -5.44 -15.67 6.66
N THR A 982 -5.20 -15.93 5.37
CA THR A 982 -6.14 -15.49 4.33
C THR A 982 -7.22 -16.55 4.21
N ASN A 983 -8.06 -16.45 3.19
CA ASN A 983 -9.08 -17.49 2.97
C ASN A 983 -9.01 -17.87 1.51
N LEU A 984 -8.71 -19.13 1.27
CA LEU A 984 -8.58 -19.64 -0.10
C LEU A 984 -9.75 -20.54 -0.42
N MET A 985 -10.20 -20.50 -1.67
N MET A 985 -10.17 -20.52 -1.68
CA MET A 985 -11.37 -21.30 -2.07
CA MET A 985 -11.29 -21.33 -2.18
C MET A 985 -11.09 -22.78 -2.08
C MET A 985 -11.04 -22.81 -2.02
N GLN A 986 -12.08 -23.54 -1.63
CA GLN A 986 -12.09 -25.00 -1.66
C GLN A 986 -12.53 -25.39 -3.06
N CYS A 987 -11.65 -26.03 -3.82
CA CYS A 987 -11.93 -26.42 -5.20
C CYS A 987 -11.70 -27.91 -5.49
N GLY A 988 -11.62 -28.72 -4.45
CA GLY A 988 -11.47 -30.15 -4.63
C GLY A 988 -10.08 -30.74 -4.53
N THR A 989 -9.08 -29.91 -4.24
CA THR A 989 -7.72 -30.43 -4.06
C THR A 989 -7.56 -30.88 -2.62
N PRO A 990 -7.24 -32.17 -2.42
CA PRO A 990 -7.08 -32.68 -1.05
C PRO A 990 -6.06 -31.89 -0.24
N GLU A 991 -5.01 -31.33 -0.87
CA GLU A 991 -3.93 -30.59 -0.16
C GLU A 991 -3.85 -30.87 1.36
N GLU A 992 -2.84 -31.63 1.75
CA GLU A 992 -2.88 -32.29 3.05
C GLU A 992 -1.76 -31.90 4.01
N HIS A 993 -1.34 -32.88 4.82
CA HIS A 993 -0.24 -32.80 5.81
C HIS A 993 0.64 -31.55 5.82
N THR A 994 0.34 -30.67 6.77
CA THR A 994 1.24 -29.58 7.13
C THR A 994 1.46 -29.65 8.65
N GLN A 995 2.35 -28.82 9.17
CA GLN A 995 2.57 -28.79 10.61
C GLN A 995 1.97 -27.54 11.25
N LYS A 996 1.54 -27.70 12.49
CA LYS A 996 1.09 -26.59 13.30
C LYS A 996 2.27 -25.62 13.48
N LEU A 997 1.99 -24.33 13.27
CA LEU A 997 3.01 -23.32 13.49
C LEU A 997 2.69 -22.69 14.81
N ASP A 998 3.60 -22.85 15.78
CA ASP A 998 3.50 -22.14 17.06
C ASP A 998 4.63 -21.12 17.13
N VAL A 999 4.33 -19.85 16.85
CA VAL A 999 5.44 -18.89 16.80
C VAL A 999 6.18 -18.71 18.13
N CYS A 1000 5.53 -19.02 19.24
CA CYS A 1000 6.17 -18.74 20.52
C CYS A 1000 7.31 -19.71 20.84
N HIS A 1001 7.30 -20.85 20.14
CA HIS A 1001 8.37 -21.84 20.25
C HIS A 1001 9.40 -21.80 19.07
N LEU A 1002 9.37 -20.76 18.23
CA LEU A 1002 10.39 -20.66 17.18
C LEU A 1002 11.79 -20.37 17.69
N LEU A 1003 11.89 -19.67 18.82
CA LEU A 1003 13.15 -19.39 19.50
C LEU A 1003 13.17 -20.19 20.81
N PRO A 1004 14.37 -20.60 21.24
CA PRO A 1004 14.53 -21.44 22.43
C PRO A 1004 14.31 -20.64 23.73
N ASN A 1005 14.11 -21.41 24.81
CA ASN A 1005 14.08 -20.87 26.17
C ASN A 1005 12.92 -19.90 26.40
N VAL A 1006 11.77 -20.21 25.82
CA VAL A 1006 10.55 -19.43 26.01
C VAL A 1006 10.07 -19.50 27.45
N ALA A 1007 9.78 -18.33 28.01
CA ALA A 1007 9.38 -18.18 29.41
C ALA A 1007 7.93 -17.71 29.46
N ARG A 1008 7.42 -17.12 28.37
CA ARG A 1008 6.07 -16.59 28.34
C ARG A 1008 5.63 -16.35 26.90
N CYS A 1009 4.34 -16.52 26.64
CA CYS A 1009 3.75 -16.24 25.32
C CYS A 1009 2.49 -15.40 25.58
N GLU A 1010 2.38 -14.24 24.93
CA GLU A 1010 1.23 -13.37 25.11
C GLU A 1010 0.62 -12.99 23.76
N ARG A 1011 -0.71 -12.97 23.70
CA ARG A 1011 -1.38 -12.34 22.56
C ARG A 1011 -1.43 -10.84 22.83
N THR A 1012 -1.06 -10.03 21.82
CA THR A 1012 -1.05 -8.57 21.96
C THR A 1012 -1.88 -7.89 20.86
N THR A 1013 -2.10 -6.59 21.04
CA THR A 1013 -2.55 -5.78 19.90
C THR A 1013 -1.52 -5.87 18.78
N LEU A 1014 -1.94 -5.49 17.56
CA LEU A 1014 -1.07 -5.69 16.36
C LEU A 1014 0.21 -4.86 16.40
N THR A 1015 0.19 -3.78 17.19
CA THR A 1015 1.34 -2.90 17.37
C THR A 1015 2.29 -3.41 18.46
N PHE A 1016 1.93 -4.52 19.12
CA PHE A 1016 2.68 -5.12 20.24
C PHE A 1016 2.63 -4.34 21.53
N LEU A 1017 1.85 -3.28 21.56
CA LEU A 1017 1.93 -2.36 22.71
C LEU A 1017 1.06 -2.70 23.91
N GLN A 1018 0.09 -3.60 23.77
CA GLN A 1018 -0.75 -4.01 24.89
C GLN A 1018 -0.91 -5.53 24.93
N ASN A 1019 -0.68 -6.12 26.09
CA ASN A 1019 -0.92 -7.54 26.29
C ASN A 1019 -2.40 -7.80 26.48
N LEU A 1020 -2.95 -8.72 25.68
CA LEU A 1020 -4.36 -9.05 25.74
C LEU A 1020 -4.67 -10.42 26.35
N GLU A 1021 -3.71 -11.33 26.31
CA GLU A 1021 -3.96 -12.69 26.82
C GLU A 1021 -2.65 -13.40 27.14
N HIS A 1022 -2.59 -14.01 28.32
CA HIS A 1022 -1.43 -14.80 28.70
C HIS A 1022 -1.73 -16.22 28.29
N LEU A 1023 -0.85 -16.84 27.51
CA LEU A 1023 -1.22 -18.05 26.81
C LEU A 1023 -0.72 -19.32 27.48
N ASP A 1024 -1.66 -20.25 27.67
CA ASP A 1024 -1.38 -21.53 28.29
C ASP A 1024 -0.39 -22.35 27.51
N GLY A 1025 0.57 -22.91 28.24
CA GLY A 1025 1.58 -23.79 27.65
C GLY A 1025 2.59 -23.01 26.85
N MET A 1026 2.50 -21.67 26.91
CA MET A 1026 3.33 -20.79 26.10
C MET A 1026 3.15 -21.10 24.62
N VAL A 1027 1.94 -21.49 24.24
CA VAL A 1027 1.62 -21.88 22.87
C VAL A 1027 0.77 -20.79 22.20
N ALA A 1028 1.24 -20.29 21.05
CA ALA A 1028 0.46 -19.33 20.26
C ALA A 1028 -0.40 -20.11 19.29
N PRO A 1029 -1.72 -20.03 19.46
CA PRO A 1029 -2.63 -20.71 18.53
C PRO A 1029 -2.59 -20.07 17.15
N GLU A 1030 -2.90 -20.85 16.12
CA GLU A 1030 -3.08 -20.25 14.81
C GLU A 1030 -4.42 -19.51 14.75
N VAL A 1031 -4.51 -18.60 13.79
CA VAL A 1031 -5.66 -17.74 13.65
C VAL A 1031 -6.65 -18.31 12.62
N CYS A 1032 -7.89 -17.81 12.66
CA CYS A 1032 -8.96 -18.17 11.74
C CYS A 1032 -8.78 -17.51 10.37
N PRO A 1033 -9.41 -18.05 9.31
CA PRO A 1033 -9.38 -17.37 8.01
C PRO A 1033 -9.86 -15.93 8.11
N MET A 1034 -9.08 -15.06 7.46
CA MET A 1034 -9.30 -13.63 7.37
C MET A 1034 -8.94 -12.85 8.63
N GLU A 1035 -8.42 -13.56 9.61
CA GLU A 1035 -8.00 -12.97 10.88
C GLU A 1035 -6.52 -12.75 10.93
N THR A 1036 -6.13 -11.81 11.79
CA THR A 1036 -4.75 -11.44 12.02
C THR A 1036 -4.57 -11.27 13.52
N ALA A 1037 -3.52 -11.88 14.05
CA ALA A 1037 -3.22 -11.83 15.47
C ALA A 1037 -1.75 -11.49 15.67
N ALA A 1038 -1.44 -10.96 16.83
CA ALA A 1038 -0.06 -10.70 17.19
C ALA A 1038 0.29 -11.43 18.47
N TYR A 1039 1.52 -11.93 18.50
CA TYR A 1039 1.99 -12.62 19.68
C TYR A 1039 3.36 -12.13 20.02
N VAL A 1040 3.65 -12.12 21.32
CA VAL A 1040 5.02 -11.79 21.75
C VAL A 1040 5.52 -12.94 22.61
N SER A 1041 6.67 -13.50 22.24
CA SER A 1041 7.32 -14.52 23.07
C SER A 1041 8.44 -13.87 23.89
N SER A 1042 8.53 -14.29 25.16
CA SER A 1042 9.56 -13.80 26.08
C SER A 1042 10.56 -14.93 26.36
N HIS A 1043 11.84 -14.61 26.45
CA HIS A 1043 12.90 -15.62 26.49
C HIS A 1043 13.92 -15.24 27.52
N SER A 1044 14.29 -16.25 28.31
CA SER A 1044 15.19 -16.03 29.45
C SER A 1044 16.63 -16.23 29.04
#